data_5QTL
#
_entry.id   5QTL
#
_cell.length_a   49.330
_cell.length_b   59.820
_cell.length_c   80.180
_cell.angle_alpha   79.340
_cell.angle_beta   81.470
_cell.angle_gamma   75.650
#
_symmetry.space_group_name_H-M   'P 1'
#
loop_
_entity.id
_entity.type
_entity.pdbx_description
1 polymer NUDT5
2 non-polymer 'MAGNESIUM ION'
3 non-polymer 'CHLORIDE ION'
4 non-polymer 1,2-ETHANEDIOL
5 non-polymer 4-(trifluoromethyl)pyrimidin-2-amine
6 water water
#
_entity_poly.entity_id   1
_entity_poly.type   'polypeptide(L)'
_entity_poly.pdbx_seq_one_letter_code
;SMESQEPTESSQNGKQYIISEELISEGKWVKLEKTTYMDPTGKTRTWESVKRTTRKEQTADGVAVIPVLQRTLHYECIVL
VKQFRPPMGGYCIEFPAGLIDDGETPEAAALRELEEETGYKGDIAECSPAVCMDPGLSNCTIHIVTVTINGDDAENARPK
PKPGDGEFVEVISLPKNDLLQRLDALVAEEHLTVDARVYSYALALKHAN
;
_entity_poly.pdbx_strand_id   A,B,C,D
#
loop_
_chem_comp.id
_chem_comp.type
_chem_comp.name
_chem_comp.formula
CL non-polymer 'CHLORIDE ION' 'Cl -1'
EDO non-polymer 1,2-ETHANEDIOL 'C2 H6 O2'
MG non-polymer 'MAGNESIUM ION' 'Mg 2'
PW7 non-polymer 4-(trifluoromethyl)pyrimidin-2-amine 'C5 H4 F3 N3'
#
# COMPACT_ATOMS: atom_id res chain seq x y z
N LYS A 15 29.27 -30.11 -21.63
CA LYS A 15 30.31 -29.52 -22.51
C LYS A 15 31.43 -28.91 -21.66
N GLN A 16 31.11 -27.93 -20.80
CA GLN A 16 32.09 -27.26 -19.92
C GLN A 16 32.19 -28.02 -18.59
N TYR A 17 33.38 -28.01 -17.99
CA TYR A 17 33.60 -28.69 -16.70
C TYR A 17 34.85 -28.12 -16.02
N ILE A 18 34.94 -28.42 -14.74
CA ILE A 18 36.05 -27.99 -13.85
C ILE A 18 37.22 -28.93 -14.13
N ILE A 19 38.39 -28.34 -14.39
CA ILE A 19 39.69 -29.06 -14.47
C ILE A 19 40.33 -29.16 -13.08
N SER A 20 40.52 -28.04 -12.39
CA SER A 20 41.16 -27.97 -11.05
C SER A 20 40.60 -26.80 -10.23
N GLU A 21 40.72 -26.90 -8.91
CA GLU A 21 40.38 -25.82 -7.95
C GLU A 21 41.58 -25.66 -7.01
N GLU A 22 42.33 -24.57 -7.15
CA GLU A 22 43.57 -24.25 -6.37
C GLU A 22 43.23 -23.24 -5.29
N LEU A 23 43.48 -23.56 -4.01
CA LEU A 23 43.22 -22.62 -2.91
C LEU A 23 44.16 -21.41 -3.07
N ILE A 24 43.63 -20.19 -3.13
CA ILE A 24 44.45 -18.95 -3.06
C ILE A 24 44.60 -18.54 -1.59
N SER A 25 43.51 -18.37 -0.87
CA SER A 25 43.49 -17.84 0.51
C SER A 25 42.29 -18.42 1.24
N GLU A 26 42.48 -18.91 2.47
CA GLU A 26 41.40 -19.51 3.30
C GLU A 26 41.35 -18.80 4.64
N GLY A 27 40.24 -18.10 4.92
CA GLY A 27 39.96 -17.50 6.23
C GLY A 27 39.24 -18.51 7.08
N LYS A 28 38.64 -18.04 8.18
CA LYS A 28 37.81 -18.88 9.08
C LYS A 28 36.47 -19.21 8.41
N TRP A 29 35.94 -18.29 7.58
CA TRP A 29 34.55 -18.33 7.05
C TRP A 29 34.50 -18.42 5.52
N VAL A 30 35.46 -17.82 4.82
CA VAL A 30 35.46 -17.67 3.34
C VAL A 30 36.83 -18.07 2.81
N LYS A 31 36.87 -18.69 1.63
CA LYS A 31 38.12 -18.91 0.87
C LYS A 31 37.96 -18.44 -0.58
N LEU A 32 39.08 -18.07 -1.19
CA LEU A 32 39.21 -17.66 -2.59
C LEU A 32 39.99 -18.76 -3.30
N GLU A 33 39.49 -19.19 -4.45
CA GLU A 33 40.11 -20.28 -5.23
C GLU A 33 40.38 -19.80 -6.64
N LYS A 34 41.44 -20.34 -7.27
CA LYS A 34 41.70 -20.22 -8.72
C LYS A 34 41.08 -21.44 -9.40
N THR A 35 40.01 -21.22 -10.18
CA THR A 35 39.27 -22.30 -10.83
C THR A 35 39.80 -22.44 -12.25
N THR A 36 40.22 -23.64 -12.62
CA THR A 36 40.55 -23.94 -14.02
C THR A 36 39.41 -24.78 -14.57
N TYR A 37 38.93 -24.40 -15.75
CA TYR A 37 37.80 -25.09 -16.41
C TYR A 37 38.01 -25.13 -17.92
N MET A 38 37.30 -26.06 -18.55
CA MET A 38 37.27 -26.24 -20.02
C MET A 38 36.10 -25.45 -20.60
N ASP A 39 36.38 -24.55 -21.56
CA ASP A 39 35.36 -23.74 -22.28
C ASP A 39 34.80 -24.60 -23.41
N PRO A 40 33.66 -24.25 -24.02
CA PRO A 40 33.05 -25.15 -25.00
C PRO A 40 33.78 -25.21 -26.36
N THR A 41 34.74 -24.29 -26.63
CA THR A 41 35.65 -24.34 -27.81
C THR A 41 36.78 -25.36 -27.56
N GLY A 42 36.87 -25.89 -26.33
CA GLY A 42 37.90 -26.86 -25.91
C GLY A 42 39.16 -26.21 -25.35
N LYS A 43 39.12 -24.91 -25.06
CA LYS A 43 40.24 -24.10 -24.52
C LYS A 43 40.14 -24.05 -22.98
N THR A 44 41.28 -24.19 -22.29
CA THR A 44 41.41 -24.08 -20.82
C THR A 44 41.28 -22.59 -20.44
N ARG A 45 40.43 -22.24 -19.47
CA ARG A 45 40.36 -20.86 -18.92
C ARG A 45 40.35 -20.92 -17.39
N THR A 46 40.59 -19.78 -16.74
CA THR A 46 40.54 -19.70 -15.26
C THR A 46 39.49 -18.66 -14.82
N TRP A 47 39.18 -18.73 -13.55
CA TRP A 47 38.13 -17.91 -12.88
C TRP A 47 38.58 -17.71 -11.43
N GLU A 48 38.25 -16.61 -10.80
CA GLU A 48 38.39 -16.47 -9.34
C GLU A 48 37.05 -16.79 -8.67
N SER A 49 37.03 -17.80 -7.81
CA SER A 49 35.82 -18.39 -7.19
C SER A 49 35.89 -18.22 -5.68
N VAL A 50 34.82 -17.68 -5.12
CA VAL A 50 34.61 -17.56 -3.66
C VAL A 50 33.81 -18.77 -3.17
N LYS A 51 34.26 -19.35 -2.07
CA LYS A 51 33.44 -20.35 -1.37
C LYS A 51 33.41 -20.11 0.15
N ARG A 52 32.39 -20.60 0.82
CA ARG A 52 32.37 -20.60 2.31
C ARG A 52 33.12 -21.83 2.81
N THR A 53 33.68 -21.75 4.01
CA THR A 53 34.41 -22.89 4.66
C THR A 53 33.43 -23.75 5.48
N THR A 54 32.19 -23.31 5.65
CA THR A 54 31.19 -23.85 6.61
C THR A 54 30.32 -24.93 5.95
N ARG A 55 30.44 -25.17 4.65
CA ARG A 55 29.50 -26.08 3.94
C ARG A 55 29.97 -27.51 4.18
N LYS A 56 29.11 -28.35 4.74
CA LYS A 56 29.44 -29.73 5.14
C LYS A 56 28.70 -30.68 4.17
N GLU A 57 27.68 -31.39 4.69
CA GLU A 57 26.84 -32.35 3.93
C GLU A 57 25.44 -31.76 3.76
N GLN A 58 25.33 -30.43 3.69
CA GLN A 58 24.05 -29.71 3.48
C GLN A 58 23.79 -29.61 1.97
N THR A 59 22.51 -29.56 1.61
CA THR A 59 22.02 -29.35 0.22
C THR A 59 22.30 -27.90 -0.18
N ALA A 60 22.75 -27.05 0.76
CA ALA A 60 23.04 -25.62 0.49
C ALA A 60 23.73 -25.02 1.71
N ASP A 61 24.36 -23.85 1.56
CA ASP A 61 24.96 -23.08 2.67
C ASP A 61 23.89 -22.66 3.68
N GLY A 62 22.76 -22.16 3.18
CA GLY A 62 21.84 -21.36 4.00
C GLY A 62 20.39 -21.50 3.58
N VAL A 63 19.54 -20.80 4.31
CA VAL A 63 18.10 -20.66 3.99
C VAL A 63 17.81 -19.17 4.01
N ALA A 64 16.88 -18.75 3.17
CA ALA A 64 16.19 -17.46 3.34
C ALA A 64 14.69 -17.81 3.44
N VAL A 65 14.01 -17.09 4.29
CA VAL A 65 12.61 -17.39 4.64
C VAL A 65 11.71 -16.30 4.05
N ILE A 66 10.69 -16.71 3.30
CA ILE A 66 9.65 -15.79 2.81
C ILE A 66 8.47 -15.96 3.77
N PRO A 67 8.38 -15.08 4.79
CA PRO A 67 7.44 -15.28 5.88
C PRO A 67 6.18 -14.44 5.66
N VAL A 68 5.09 -15.13 5.37
CA VAL A 68 3.79 -14.48 5.03
C VAL A 68 2.94 -14.41 6.30
N LEU A 69 2.86 -13.22 6.86
CA LEU A 69 2.16 -13.02 8.14
C LEU A 69 0.68 -12.88 7.81
N GLN A 70 -0.15 -13.81 8.30
CA GLN A 70 -1.60 -13.85 8.01
C GLN A 70 -2.35 -13.58 9.31
N ARG A 71 -3.34 -12.67 9.26
CA ARG A 71 -4.14 -12.22 10.42
C ARG A 71 -5.54 -11.88 9.92
N THR A 72 -6.58 -12.36 10.62
CA THR A 72 -7.99 -12.08 10.27
C THR A 72 -8.15 -10.56 10.20
N LEU A 73 -8.69 -10.07 9.09
CA LEU A 73 -9.08 -8.66 8.84
C LEU A 73 -7.83 -7.77 8.76
N HIS A 74 -6.67 -8.37 8.45
CA HIS A 74 -5.44 -7.67 8.01
C HIS A 74 -5.07 -8.12 6.60
N TYR A 75 -4.47 -7.22 5.82
CA TYR A 75 -3.74 -7.58 4.60
C TYR A 75 -2.55 -8.43 5.02
N GLU A 76 -2.19 -9.42 4.20
CA GLU A 76 -0.99 -10.28 4.40
C GLU A 76 0.22 -9.37 4.47
N CYS A 77 1.16 -9.60 5.40
CA CYS A 77 2.44 -8.88 5.40
C CYS A 77 3.57 -9.84 5.05
N ILE A 78 4.62 -9.27 4.48
CA ILE A 78 5.91 -9.98 4.26
C ILE A 78 6.80 -9.54 5.41
N VAL A 79 7.32 -10.48 6.18
CA VAL A 79 8.15 -10.15 7.36
C VAL A 79 9.63 -10.08 6.93
N LEU A 80 10.24 -8.92 7.09
CA LEU A 80 11.62 -8.62 6.67
C LEU A 80 12.47 -8.28 7.90
N VAL A 81 13.78 -8.40 7.74
CA VAL A 81 14.72 -7.96 8.82
C VAL A 81 15.69 -6.91 8.28
N LYS A 82 16.07 -6.01 9.18
CA LYS A 82 17.08 -4.94 8.95
C LYS A 82 18.25 -5.18 9.91
N GLN A 83 19.46 -5.28 9.39
CA GLN A 83 20.70 -5.64 10.11
C GLN A 83 21.84 -4.86 9.50
N PHE A 84 22.84 -4.55 10.32
CA PHE A 84 24.15 -4.07 9.82
C PHE A 84 24.88 -5.26 9.22
N ARG A 85 25.34 -5.11 7.99
CA ARG A 85 26.11 -6.13 7.24
C ARG A 85 27.50 -5.57 7.06
N PRO A 86 28.48 -6.07 7.84
CA PRO A 86 29.85 -5.60 7.69
C PRO A 86 30.35 -5.60 6.23
N PRO A 87 30.10 -6.63 5.36
CA PRO A 87 30.57 -6.55 3.97
C PRO A 87 30.10 -5.31 3.20
N MET A 88 28.87 -4.88 3.49
CA MET A 88 28.23 -3.74 2.86
C MET A 88 28.64 -2.43 3.55
N GLY A 89 29.14 -2.47 4.79
CA GLY A 89 29.43 -1.24 5.57
C GLY A 89 28.15 -0.44 5.87
N GLY A 90 27.04 -1.12 6.15
CA GLY A 90 25.73 -0.47 6.31
C GLY A 90 24.59 -1.44 6.56
N TYR A 91 23.40 -0.87 6.72
CA TYR A 91 22.14 -1.57 7.04
C TYR A 91 21.48 -2.08 5.75
N CYS A 92 20.95 -3.29 5.84
CA CYS A 92 20.35 -3.97 4.68
C CYS A 92 19.02 -4.52 5.12
N ILE A 93 18.06 -4.53 4.20
CA ILE A 93 16.72 -5.09 4.45
C ILE A 93 16.63 -6.40 3.66
N GLU A 94 16.37 -7.49 4.37
CA GLU A 94 16.49 -8.85 3.78
C GLU A 94 15.37 -9.75 4.33
N PHE A 95 15.08 -10.81 3.60
CA PHE A 95 14.36 -11.98 4.16
C PHE A 95 15.17 -12.50 5.33
N PRO A 96 14.49 -12.95 6.42
CA PRO A 96 15.16 -13.64 7.50
C PRO A 96 15.93 -14.84 6.91
N ALA A 97 17.14 -15.08 7.38
CA ALA A 97 18.08 -15.99 6.71
C ALA A 97 19.18 -16.37 7.68
N GLY A 98 19.72 -17.59 7.52
CA GLY A 98 20.95 -18.01 8.18
C GLY A 98 21.50 -19.27 7.57
N LEU A 99 22.65 -19.71 8.07
CA LEU A 99 23.31 -20.89 7.52
C LEU A 99 22.59 -22.10 8.12
N ILE A 100 22.62 -23.21 7.41
CA ILE A 100 22.00 -24.49 7.87
C ILE A 100 23.01 -25.16 8.79
N ASP A 101 22.63 -25.50 10.02
CA ASP A 101 23.56 -26.19 10.96
C ASP A 101 23.79 -27.61 10.42
N ASP A 102 24.97 -28.19 10.68
CA ASP A 102 25.29 -29.59 10.27
C ASP A 102 24.14 -30.51 10.71
N GLY A 103 23.59 -31.32 9.81
CA GLY A 103 22.57 -32.33 10.11
C GLY A 103 21.17 -31.74 10.13
N GLU A 104 21.08 -30.41 9.97
CA GLU A 104 19.79 -29.69 10.02
C GLU A 104 19.16 -29.74 8.62
N THR A 105 17.84 -29.95 8.56
CA THR A 105 17.06 -29.87 7.29
C THR A 105 16.93 -28.38 6.92
N PRO A 106 16.79 -28.04 5.62
CA PRO A 106 16.49 -26.66 5.25
C PRO A 106 15.23 -26.13 5.96
N GLU A 107 14.17 -26.94 6.03
CA GLU A 107 12.89 -26.52 6.67
C GLU A 107 13.09 -26.20 8.16
N ALA A 108 13.74 -27.08 8.93
CA ALA A 108 14.08 -26.80 10.35
C ALA A 108 14.94 -25.53 10.48
N ALA A 109 15.97 -25.36 9.65
CA ALA A 109 16.82 -24.15 9.62
C ALA A 109 15.92 -22.92 9.42
N ALA A 110 15.00 -22.94 8.45
CA ALA A 110 14.11 -21.81 8.10
C ALA A 110 13.24 -21.45 9.29
N LEU A 111 12.56 -22.41 9.90
CA LEU A 111 11.65 -22.12 11.03
C LEU A 111 12.48 -21.64 12.23
N ARG A 112 13.66 -22.23 12.45
CA ARG A 112 14.56 -21.82 13.55
C ARG A 112 15.05 -20.37 13.34
N GLU A 113 15.64 -20.07 12.19
CA GLU A 113 16.12 -18.69 11.89
C GLU A 113 14.97 -17.68 11.98
N LEU A 114 13.79 -18.00 11.42
CA LEU A 114 12.62 -17.09 11.48
C LEU A 114 12.29 -16.80 12.95
N GLU A 115 12.23 -17.81 13.81
CA GLU A 115 11.88 -17.55 15.24
C GLU A 115 13.00 -16.75 15.90
N GLU A 116 14.28 -17.09 15.69
CA GLU A 116 15.43 -16.41 16.32
C GLU A 116 15.48 -14.94 15.90
N GLU A 117 15.22 -14.67 14.63
CA GLU A 117 15.41 -13.30 14.08
C GLU A 117 14.17 -12.41 14.28
N THR A 118 12.97 -13.00 14.26
CA THR A 118 11.71 -12.22 14.32
C THR A 118 10.85 -12.55 15.53
N GLY A 119 11.06 -13.68 16.20
CA GLY A 119 10.14 -14.13 17.26
C GLY A 119 8.97 -14.96 16.75
N TYR A 120 8.63 -14.92 15.46
CA TYR A 120 7.46 -15.64 14.93
C TYR A 120 7.72 -17.12 14.77
N LYS A 121 6.67 -17.90 15.05
CA LYS A 121 6.61 -19.35 14.88
C LYS A 121 5.82 -19.63 13.61
N GLY A 122 6.51 -20.02 12.57
CA GLY A 122 5.89 -20.21 11.25
C GLY A 122 5.39 -21.62 11.02
N ASP A 123 4.69 -21.82 9.91
CA ASP A 123 4.30 -23.16 9.37
C ASP A 123 4.90 -23.27 7.98
N ILE A 124 5.56 -24.37 7.67
CA ILE A 124 6.19 -24.56 6.34
C ILE A 124 5.09 -24.52 5.29
N ALA A 125 5.30 -23.82 4.17
CA ALA A 125 4.41 -23.90 2.98
C ALA A 125 5.12 -24.62 1.84
N GLU A 126 6.35 -24.20 1.53
CA GLU A 126 7.11 -24.74 0.38
C GLU A 126 8.60 -24.51 0.61
N CYS A 127 9.38 -25.32 -0.07
CA CYS A 127 10.86 -25.32 0.04
C CYS A 127 11.47 -25.49 -1.34
N SER A 128 12.23 -24.50 -1.78
CA SER A 128 12.88 -24.48 -3.10
C SER A 128 13.97 -25.54 -3.13
N PRO A 129 14.38 -26.02 -4.32
CA PRO A 129 15.72 -26.55 -4.49
C PRO A 129 16.79 -25.50 -4.11
N ALA A 130 18.02 -25.97 -3.95
CA ALA A 130 19.21 -25.13 -3.78
C ALA A 130 19.32 -24.16 -4.96
N VAL A 131 19.36 -22.87 -4.67
CA VAL A 131 19.46 -21.80 -5.71
C VAL A 131 20.70 -20.95 -5.42
N CYS A 132 21.28 -20.35 -6.46
CA CYS A 132 22.63 -19.75 -6.36
C CYS A 132 22.47 -18.27 -6.00
N MET A 133 23.30 -17.83 -5.06
CA MET A 133 23.34 -16.45 -4.56
C MET A 133 24.02 -15.51 -5.58
N ASP A 134 25.11 -15.91 -6.23
CA ASP A 134 25.89 -14.95 -7.08
C ASP A 134 26.86 -15.79 -7.87
N PRO A 135 26.36 -16.53 -8.89
CA PRO A 135 27.08 -17.68 -9.43
C PRO A 135 28.27 -17.29 -10.31
N GLY A 136 28.38 -16.02 -10.72
CA GLY A 136 29.59 -15.49 -11.38
C GLY A 136 30.70 -15.22 -10.38
N LEU A 137 30.41 -15.28 -9.09
CA LEU A 137 31.39 -14.96 -8.02
C LEU A 137 31.63 -16.13 -7.07
N SER A 138 30.59 -16.80 -6.60
CA SER A 138 30.65 -17.77 -5.46
C SER A 138 29.89 -19.05 -5.79
N ASN A 139 30.14 -20.11 -5.04
CA ASN A 139 29.34 -21.35 -5.12
C ASN A 139 28.18 -21.28 -4.10
N CYS A 140 27.94 -20.17 -3.44
CA CYS A 140 26.99 -20.08 -2.30
C CYS A 140 25.57 -20.35 -2.79
N THR A 141 24.87 -21.19 -2.04
CA THR A 141 23.49 -21.59 -2.32
C THR A 141 22.65 -21.49 -1.06
N ILE A 142 21.36 -21.28 -1.30
CA ILE A 142 20.29 -21.34 -0.27
C ILE A 142 19.12 -22.16 -0.79
N HIS A 143 18.34 -22.66 0.15
CA HIS A 143 16.91 -22.95 -0.06
C HIS A 143 16.10 -21.70 0.32
N ILE A 144 15.20 -21.31 -0.56
CA ILE A 144 14.19 -20.27 -0.24
C ILE A 144 12.98 -21.03 0.27
N VAL A 145 12.68 -20.84 1.56
CA VAL A 145 11.57 -21.54 2.27
C VAL A 145 10.45 -20.55 2.52
N THR A 146 9.32 -20.81 1.89
CA THR A 146 8.06 -20.05 2.12
C THR A 146 7.41 -20.60 3.39
N VAL A 147 7.09 -19.70 4.32
CA VAL A 147 6.49 -20.05 5.63
C VAL A 147 5.32 -19.12 5.86
N THR A 148 4.20 -19.66 6.31
CA THR A 148 3.04 -18.83 6.73
C THR A 148 3.12 -18.65 8.24
N ILE A 149 2.80 -17.46 8.74
CA ILE A 149 2.72 -17.17 10.19
C ILE A 149 1.25 -16.89 10.50
N ASN A 150 0.68 -17.69 11.41
CA ASN A 150 -0.68 -17.46 11.94
C ASN A 150 -0.57 -16.35 12.98
N GLY A 151 -0.74 -15.09 12.55
CA GLY A 151 -0.65 -13.96 13.48
C GLY A 151 -1.87 -13.88 14.40
N ASP A 152 -2.90 -14.73 14.22
CA ASP A 152 -4.01 -14.83 15.22
C ASP A 152 -3.66 -15.80 16.35
N ASP A 153 -2.63 -16.65 16.19
CA ASP A 153 -2.18 -17.56 17.28
C ASP A 153 -1.53 -16.73 18.40
N ALA A 154 -1.82 -17.07 19.66
CA ALA A 154 -1.31 -16.39 20.86
C ALA A 154 0.22 -16.44 20.89
N GLU A 155 0.78 -17.55 20.37
CA GLU A 155 2.25 -17.79 20.22
C GLU A 155 2.88 -16.60 19.47
N ASN A 156 2.14 -16.00 18.53
CA ASN A 156 2.66 -14.99 17.59
C ASN A 156 2.10 -13.62 17.96
N ALA A 157 1.65 -13.46 19.21
CA ALA A 157 0.97 -12.24 19.71
C ALA A 157 2.00 -11.13 19.88
N ARG A 158 2.92 -11.30 20.83
CA ARG A 158 4.02 -10.34 21.12
C ARG A 158 5.33 -11.07 20.83
N PRO A 159 5.70 -11.25 19.55
CA PRO A 159 6.89 -12.02 19.18
C PRO A 159 8.18 -11.31 19.65
N LYS A 160 8.99 -11.98 20.47
CA LYS A 160 10.32 -11.52 20.94
C LYS A 160 11.44 -12.23 20.16
N PRO A 161 12.23 -11.51 19.33
CA PRO A 161 13.45 -12.10 18.77
C PRO A 161 14.31 -12.79 19.85
N LYS A 162 14.92 -13.94 19.53
CA LYS A 162 15.98 -14.62 20.35
C LYS A 162 17.27 -14.65 19.54
N PRO A 163 17.91 -13.48 19.32
CA PRO A 163 19.14 -13.42 18.53
C PRO A 163 20.32 -14.09 19.25
N GLY A 164 21.12 -14.87 18.49
CA GLY A 164 22.39 -15.46 18.98
C GLY A 164 23.40 -14.37 19.28
N ASP A 165 24.61 -14.75 19.68
CA ASP A 165 25.69 -13.77 19.98
C ASP A 165 26.08 -13.04 18.69
N GLY A 166 26.19 -11.71 18.74
CA GLY A 166 26.59 -10.88 17.59
C GLY A 166 25.48 -10.69 16.58
N GLU A 167 24.23 -11.08 16.93
CA GLU A 167 23.03 -10.88 16.09
C GLU A 167 22.23 -9.71 16.64
N PHE A 168 21.91 -8.74 15.79
CA PHE A 168 21.26 -7.47 16.14
C PHE A 168 20.29 -7.11 15.00
N VAL A 169 19.03 -7.53 15.17
CA VAL A 169 18.06 -7.64 14.06
C VAL A 169 16.81 -6.80 14.39
N GLU A 170 16.38 -5.96 13.44
CA GLU A 170 15.09 -5.19 13.55
C GLU A 170 14.08 -5.86 12.60
N VAL A 171 12.85 -6.05 13.06
CA VAL A 171 11.76 -6.68 12.26
C VAL A 171 10.96 -5.60 11.57
N ILE A 172 10.76 -5.72 10.27
CA ILE A 172 9.95 -4.79 9.46
C ILE A 172 8.93 -5.63 8.70
N SER A 173 7.66 -5.50 9.02
CA SER A 173 6.53 -6.18 8.35
C SER A 173 5.84 -5.24 7.39
N LEU A 174 5.81 -5.57 6.11
CA LEU A 174 5.27 -4.69 5.05
C LEU A 174 4.16 -5.41 4.33
N PRO A 175 3.03 -4.70 4.01
CA PRO A 175 1.93 -5.32 3.28
C PRO A 175 2.37 -5.84 1.91
N LYS A 176 2.10 -7.11 1.66
CA LYS A 176 2.38 -7.78 0.37
C LYS A 176 1.82 -6.96 -0.79
N ASN A 177 0.60 -6.42 -0.63
CA ASN A 177 -0.16 -5.69 -1.66
C ASN A 177 0.50 -4.32 -1.95
N ASP A 178 1.52 -3.89 -1.21
CA ASP A 178 2.19 -2.58 -1.50
C ASP A 178 3.70 -2.72 -1.28
N LEU A 179 4.26 -3.93 -1.40
CA LEU A 179 5.63 -4.15 -0.90
C LEU A 179 6.66 -3.23 -1.61
N LEU A 180 6.62 -3.12 -2.93
CA LEU A 180 7.69 -2.40 -3.67
C LEU A 180 7.64 -0.92 -3.25
N GLN A 181 6.46 -0.32 -3.16
CA GLN A 181 6.36 1.13 -2.83
C GLN A 181 6.83 1.33 -1.38
N ARG A 182 6.54 0.39 -0.48
CA ARG A 182 6.89 0.51 0.94
C ARG A 182 8.40 0.39 1.13
N LEU A 183 9.05 -0.47 0.34
CA LEU A 183 10.51 -0.60 0.30
C LEU A 183 11.12 0.70 -0.25
N ASP A 184 10.55 1.21 -1.33
CA ASP A 184 10.99 2.50 -1.95
C ASP A 184 10.91 3.59 -0.88
N ALA A 185 9.81 3.71 -0.15
CA ALA A 185 9.66 4.75 0.91
C ALA A 185 10.70 4.57 2.01
N LEU A 186 11.03 3.33 2.41
CA LEU A 186 12.12 3.09 3.40
C LEU A 186 13.47 3.54 2.83
N VAL A 187 13.76 3.26 1.56
CA VAL A 187 15.06 3.58 0.90
C VAL A 187 15.15 5.11 0.79
N ALA A 188 14.06 5.79 0.43
CA ALA A 188 14.05 7.27 0.33
C ALA A 188 14.41 7.96 1.67
N GLU A 189 14.07 7.34 2.80
CA GLU A 189 14.04 8.00 4.14
C GLU A 189 15.34 7.75 4.92
N GLU A 190 16.19 6.83 4.47
CA GLU A 190 17.43 6.43 5.21
C GLU A 190 18.46 5.81 4.24
N HIS A 191 19.73 5.80 4.65
CA HIS A 191 20.85 5.09 3.98
C HIS A 191 20.74 3.60 4.31
N LEU A 192 20.21 2.82 3.39
CA LEU A 192 20.05 1.35 3.56
C LEU A 192 19.84 0.72 2.18
N THR A 193 20.24 -0.55 2.06
CA THR A 193 20.21 -1.30 0.80
C THR A 193 19.14 -2.38 0.95
N VAL A 194 18.32 -2.49 -0.06
CA VAL A 194 17.39 -3.62 -0.14
C VAL A 194 18.11 -4.78 -0.81
N ASP A 195 17.90 -5.97 -0.28
CA ASP A 195 18.43 -7.20 -0.87
C ASP A 195 17.81 -7.46 -2.23
N ALA A 196 18.61 -7.95 -3.15
CA ALA A 196 18.19 -8.25 -4.54
C ALA A 196 17.07 -9.30 -4.58
N ARG A 197 17.03 -10.25 -3.65
CA ARG A 197 15.91 -11.24 -3.65
C ARG A 197 14.62 -10.55 -3.19
N VAL A 198 14.65 -9.78 -2.11
CA VAL A 198 13.47 -9.02 -1.63
C VAL A 198 12.96 -8.16 -2.79
N TYR A 199 13.87 -7.46 -3.48
CA TYR A 199 13.44 -6.50 -4.52
C TYR A 199 12.84 -7.28 -5.71
N SER A 200 13.43 -8.39 -6.09
CA SER A 200 12.92 -9.25 -7.18
C SER A 200 11.52 -9.73 -6.80
N TYR A 201 11.32 -10.15 -5.56
CA TYR A 201 10.00 -10.61 -5.04
C TYR A 201 8.99 -9.47 -5.11
N ALA A 202 9.33 -8.27 -4.61
CA ALA A 202 8.46 -7.08 -4.65
C ALA A 202 8.16 -6.68 -6.11
N LEU A 203 9.15 -6.74 -7.01
CA LEU A 203 8.92 -6.45 -8.45
C LEU A 203 7.88 -7.42 -9.03
N ALA A 204 8.03 -8.73 -8.79
CA ALA A 204 7.07 -9.71 -9.35
C ALA A 204 5.67 -9.46 -8.79
N LEU A 205 5.49 -9.08 -7.51
CA LEU A 205 4.16 -8.81 -6.96
C LEU A 205 3.56 -7.65 -7.78
N LYS A 206 4.33 -6.62 -8.04
CA LYS A 206 3.87 -5.51 -8.91
C LYS A 206 3.52 -6.05 -10.30
N HIS A 207 4.41 -6.82 -10.93
CA HIS A 207 4.23 -7.24 -12.34
C HIS A 207 3.06 -8.23 -12.44
N ALA A 208 2.68 -8.93 -11.36
CA ALA A 208 1.56 -9.88 -11.41
C ALA A 208 0.24 -9.07 -11.36
N LYS B 15 24.29 3.30 14.48
CA LYS B 15 24.78 2.73 15.77
C LYS B 15 25.93 1.73 15.53
N GLN B 16 25.95 1.03 14.38
CA GLN B 16 27.07 0.15 13.97
C GLN B 16 27.81 0.82 12.80
N TYR B 17 29.09 0.52 12.63
CA TYR B 17 29.93 1.14 11.58
C TYR B 17 31.23 0.37 11.46
N ILE B 18 31.90 0.58 10.34
CA ILE B 18 33.23 0.02 10.01
C ILE B 18 34.29 0.86 10.76
N ILE B 19 35.22 0.19 11.42
CA ILE B 19 36.40 0.85 12.03
C ILE B 19 37.54 0.79 11.00
N SER B 20 37.91 -0.42 10.56
CA SER B 20 39.01 -0.67 9.59
C SER B 20 38.73 -1.91 8.73
N GLU B 21 39.39 -1.94 7.58
CA GLU B 21 39.39 -3.10 6.66
C GLU B 21 40.86 -3.49 6.46
N GLU B 22 41.17 -4.76 6.67
CA GLU B 22 42.51 -5.34 6.41
C GLU B 22 42.41 -6.20 5.16
N LEU B 23 43.16 -5.86 4.11
CA LEU B 23 43.33 -6.80 2.95
C LEU B 23 43.87 -8.16 3.42
N ILE B 24 43.20 -9.25 3.04
CA ILE B 24 43.74 -10.63 3.25
C ILE B 24 44.38 -11.09 1.94
N SER B 25 43.66 -10.97 0.83
CA SER B 25 44.10 -11.52 -0.47
C SER B 25 43.40 -10.73 -1.58
N GLU B 26 44.16 -10.26 -2.57
CA GLU B 26 43.61 -9.52 -3.72
C GLU B 26 43.96 -10.30 -4.97
N GLY B 27 42.94 -10.79 -5.68
CA GLY B 27 43.11 -11.40 -7.01
C GLY B 27 42.99 -10.33 -8.08
N LYS B 28 42.83 -10.75 -9.32
CA LYS B 28 42.56 -9.84 -10.47
C LYS B 28 41.11 -9.32 -10.42
N TRP B 29 40.18 -10.15 -9.94
CA TRP B 29 38.70 -9.93 -10.00
C TRP B 29 38.09 -9.77 -8.60
N VAL B 30 38.65 -10.44 -7.59
CA VAL B 30 38.00 -10.58 -6.26
C VAL B 30 39.08 -10.34 -5.23
N LYS B 31 38.73 -9.68 -4.13
CA LYS B 31 39.59 -9.60 -2.93
C LYS B 31 38.81 -10.01 -1.67
N LEU B 32 39.54 -10.56 -0.70
CA LEU B 32 39.05 -11.01 0.62
C LEU B 32 39.60 -10.04 1.67
N GLU B 33 38.73 -9.43 2.48
CA GLU B 33 39.12 -8.44 3.52
C GLU B 33 38.69 -8.93 4.89
N LYS B 34 39.44 -8.57 5.92
CA LYS B 34 38.99 -8.76 7.32
C LYS B 34 38.47 -7.39 7.76
N THR B 35 37.16 -7.29 7.95
CA THR B 35 36.44 -6.08 8.38
C THR B 35 36.36 -6.05 9.91
N THR B 36 36.78 -4.93 10.48
CA THR B 36 36.62 -4.68 11.93
C THR B 36 35.44 -3.69 12.10
N TYR B 37 34.45 -4.03 12.92
CA TYR B 37 33.26 -3.15 13.09
C TYR B 37 32.88 -3.06 14.56
N MET B 38 32.11 -2.03 14.88
CA MET B 38 31.58 -1.77 16.24
C MET B 38 30.15 -2.32 16.29
N ASP B 39 29.92 -3.27 17.19
CA ASP B 39 28.59 -3.89 17.41
C ASP B 39 27.80 -2.95 18.32
N PRO B 40 26.46 -3.08 18.39
CA PRO B 40 25.63 -2.06 19.04
C PRO B 40 25.99 -1.82 20.51
N THR B 41 26.59 -2.81 21.17
CA THR B 41 26.92 -2.78 22.63
C THR B 41 28.20 -1.98 22.88
N GLY B 42 28.93 -1.58 21.83
CA GLY B 42 30.26 -0.95 21.96
C GLY B 42 31.41 -1.95 21.85
N LYS B 43 31.09 -3.23 21.62
CA LYS B 43 32.07 -4.34 21.47
C LYS B 43 32.58 -4.38 20.03
N THR B 44 33.89 -4.54 19.86
CA THR B 44 34.58 -4.54 18.54
C THR B 44 34.55 -5.97 18.00
N ARG B 45 34.24 -6.15 16.72
CA ARG B 45 34.00 -7.50 16.14
C ARG B 45 34.61 -7.51 14.73
N THR B 46 34.91 -8.69 14.19
CA THR B 46 35.55 -8.83 12.86
C THR B 46 34.63 -9.67 11.99
N TRP B 47 34.72 -9.44 10.68
CA TRP B 47 33.95 -10.14 9.62
C TRP B 47 34.88 -10.45 8.45
N GLU B 48 34.62 -11.55 7.74
CA GLU B 48 35.36 -11.86 6.49
C GLU B 48 34.45 -11.41 5.36
N SER B 49 34.94 -10.45 4.57
CA SER B 49 34.15 -9.74 3.55
C SER B 49 34.80 -9.92 2.17
N VAL B 50 33.98 -10.15 1.16
CA VAL B 50 34.42 -10.30 -0.25
C VAL B 50 34.06 -9.01 -0.96
N LYS B 51 34.95 -8.52 -1.81
CA LYS B 51 34.65 -7.42 -2.73
C LYS B 51 35.22 -7.75 -4.12
N ARG B 52 34.52 -7.29 -5.14
CA ARG B 52 35.13 -7.20 -6.48
C ARG B 52 36.15 -6.05 -6.54
N THR B 53 37.15 -6.22 -7.39
CA THR B 53 38.25 -5.24 -7.62
C THR B 53 37.85 -4.30 -8.77
N THR B 54 36.70 -4.52 -9.40
CA THR B 54 36.33 -3.93 -10.72
C THR B 54 35.47 -2.65 -10.59
N ARG B 55 34.84 -2.43 -9.44
CA ARG B 55 33.91 -1.28 -9.24
C ARG B 55 34.72 0.01 -9.09
N LYS B 56 34.21 1.12 -9.64
CA LYS B 56 34.88 2.45 -9.63
C LYS B 56 33.91 3.51 -9.09
N GLU B 57 33.40 4.38 -9.97
CA GLU B 57 32.43 5.46 -9.64
C GLU B 57 31.00 4.91 -9.81
N GLN B 58 30.88 3.64 -10.20
CA GLN B 58 29.60 2.99 -10.59
C GLN B 58 28.58 3.09 -9.45
N THR B 59 27.30 3.11 -9.82
CA THR B 59 26.11 3.02 -8.91
C THR B 59 26.09 1.64 -8.23
N ALA B 60 26.73 0.65 -8.86
CA ALA B 60 26.62 -0.79 -8.49
C ALA B 60 27.69 -1.56 -9.26
N ASP B 61 27.96 -2.82 -8.90
CA ASP B 61 28.90 -3.66 -9.68
C ASP B 61 28.31 -3.93 -11.06
N GLY B 62 27.03 -4.27 -11.09
CA GLY B 62 26.41 -4.99 -12.23
C GLY B 62 24.97 -4.59 -12.42
N VAL B 63 24.38 -5.11 -13.50
CA VAL B 63 22.93 -5.09 -13.77
C VAL B 63 22.46 -6.53 -13.92
N ALA B 64 21.20 -6.76 -13.60
CA ALA B 64 20.44 -7.96 -13.96
C ALA B 64 19.16 -7.48 -14.64
N VAL B 65 18.88 -8.07 -15.77
CA VAL B 65 17.76 -7.65 -16.63
C VAL B 65 16.62 -8.66 -16.45
N ILE B 66 15.44 -8.15 -16.13
CA ILE B 66 14.17 -8.91 -16.21
C ILE B 66 13.57 -8.61 -17.58
N PRO B 67 13.75 -9.50 -18.60
CA PRO B 67 13.29 -9.24 -19.96
C PRO B 67 11.94 -9.89 -20.22
N VAL B 68 10.91 -9.06 -20.25
CA VAL B 68 9.51 -9.46 -20.57
C VAL B 68 9.37 -9.43 -22.09
N LEU B 69 9.34 -10.62 -22.70
CA LEU B 69 9.15 -10.79 -24.15
C LEU B 69 7.66 -10.81 -24.45
N GLN B 70 7.20 -9.78 -25.16
CA GLN B 70 5.76 -9.58 -25.46
C GLN B 70 5.51 -9.84 -26.95
N ARG B 71 4.81 -10.92 -27.29
CA ARG B 71 4.40 -11.24 -28.67
C ARG B 71 2.89 -11.38 -28.69
N THR B 72 2.24 -10.78 -29.68
CA THR B 72 0.77 -10.83 -29.72
C THR B 72 0.35 -12.28 -29.95
N LEU B 73 -0.77 -12.70 -29.30
CA LEU B 73 -1.39 -14.05 -29.37
C LEU B 73 -0.45 -15.12 -28.82
N HIS B 74 0.52 -14.73 -28.00
CA HIS B 74 1.45 -15.66 -27.31
C HIS B 74 1.39 -15.34 -25.83
N TYR B 75 1.70 -16.31 -24.98
CA TYR B 75 1.98 -15.97 -23.57
C TYR B 75 3.18 -15.06 -23.48
N GLU B 76 3.10 -14.08 -22.59
CA GLU B 76 4.24 -13.25 -22.17
C GLU B 76 5.31 -14.20 -21.61
N CYS B 77 6.55 -14.02 -22.04
CA CYS B 77 7.71 -14.82 -21.56
C CYS B 77 8.71 -13.95 -20.82
N ILE B 78 9.37 -14.58 -19.86
CA ILE B 78 10.57 -14.04 -19.22
C ILE B 78 11.73 -14.73 -19.90
N VAL B 79 12.63 -13.94 -20.45
CA VAL B 79 13.84 -14.43 -21.16
C VAL B 79 14.98 -14.65 -20.16
N LEU B 80 15.48 -15.87 -20.07
CA LEU B 80 16.56 -16.18 -19.12
C LEU B 80 17.74 -16.73 -19.91
N VAL B 81 18.87 -16.86 -19.24
CA VAL B 81 20.09 -17.40 -19.89
C VAL B 81 20.60 -18.56 -19.05
N LYS B 82 21.21 -19.52 -19.72
CA LYS B 82 21.86 -20.69 -19.10
C LYS B 82 23.34 -20.63 -19.50
N GLN B 83 24.23 -20.71 -18.53
CA GLN B 83 25.69 -20.58 -18.73
C GLN B 83 26.39 -21.51 -17.75
N PHE B 84 27.56 -22.02 -18.15
CA PHE B 84 28.49 -22.68 -17.24
C PHE B 84 29.00 -21.63 -16.27
N ARG B 85 28.91 -21.89 -14.97
CA ARG B 85 29.43 -20.92 -13.97
C ARG B 85 30.56 -21.57 -13.19
N PRO B 86 31.84 -21.19 -13.48
CA PRO B 86 32.97 -21.86 -12.83
C PRO B 86 32.90 -21.90 -11.30
N PRO B 87 32.47 -20.83 -10.59
CA PRO B 87 32.35 -20.91 -9.14
C PRO B 87 31.35 -22.00 -8.72
N MET B 88 30.29 -22.21 -9.49
CA MET B 88 29.25 -23.20 -9.15
C MET B 88 29.67 -24.59 -9.63
N GLY B 89 30.65 -24.70 -10.54
CA GLY B 89 31.07 -25.99 -11.10
C GLY B 89 29.96 -26.58 -11.94
N GLY B 90 29.01 -25.78 -12.39
CA GLY B 90 27.86 -26.30 -13.13
C GLY B 90 27.15 -25.21 -13.92
N TYR B 91 26.08 -25.60 -14.57
CA TYR B 91 25.17 -24.71 -15.33
C TYR B 91 24.11 -24.12 -14.40
N CYS B 92 23.87 -22.82 -14.58
CA CYS B 92 22.89 -22.01 -13.85
C CYS B 92 21.94 -21.34 -14.82
N ILE B 93 20.70 -21.15 -14.37
CA ILE B 93 19.67 -20.38 -15.10
C ILE B 93 19.52 -19.04 -14.39
N GLU B 94 19.68 -17.96 -15.14
CA GLU B 94 19.80 -16.59 -14.57
C GLU B 94 19.09 -15.56 -15.45
N PHE B 95 18.74 -14.41 -14.87
CA PHE B 95 18.46 -13.20 -15.65
C PHE B 95 19.70 -12.86 -16.46
N PRO B 96 19.58 -12.37 -17.69
CA PRO B 96 20.73 -11.81 -18.37
C PRO B 96 21.32 -10.73 -17.47
N ALA B 97 22.65 -10.62 -17.45
CA ALA B 97 23.38 -9.81 -16.47
C ALA B 97 24.84 -9.65 -16.86
N GLY B 98 25.38 -8.49 -16.51
CA GLY B 98 26.82 -8.28 -16.53
C GLY B 98 27.22 -7.08 -15.71
N LEU B 99 28.53 -6.91 -15.56
CA LEU B 99 29.14 -5.73 -14.87
C LEU B 99 28.93 -4.49 -15.73
N ILE B 100 28.78 -3.36 -15.07
CA ILE B 100 28.58 -2.03 -15.70
C ILE B 100 29.96 -1.52 -16.12
N ASP B 101 30.09 -1.04 -17.35
CA ASP B 101 31.34 -0.43 -17.87
C ASP B 101 31.53 0.92 -17.17
N ASP B 102 32.78 1.30 -16.87
CA ASP B 102 33.14 2.65 -16.37
C ASP B 102 32.48 3.69 -17.29
N GLY B 103 31.65 4.59 -16.73
CA GLY B 103 30.97 5.68 -17.46
C GLY B 103 29.72 5.20 -18.19
N GLU B 104 29.28 3.97 -17.93
CA GLU B 104 27.99 3.44 -18.45
C GLU B 104 26.90 3.66 -17.38
N THR B 105 25.70 4.05 -17.80
CA THR B 105 24.49 4.11 -16.94
C THR B 105 23.99 2.68 -16.72
N PRO B 106 23.33 2.38 -15.59
CA PRO B 106 22.73 1.05 -15.39
C PRO B 106 21.75 0.68 -16.52
N GLU B 107 20.94 1.66 -16.94
CA GLU B 107 19.97 1.48 -18.06
C GLU B 107 20.70 1.05 -19.34
N ALA B 108 21.79 1.71 -19.71
CA ALA B 108 22.52 1.42 -20.96
C ALA B 108 23.21 0.06 -20.81
N ALA B 109 23.71 -0.27 -19.62
CA ALA B 109 24.35 -1.57 -19.33
C ALA B 109 23.31 -2.68 -19.54
N ALA B 110 22.07 -2.42 -19.16
CA ALA B 110 20.95 -3.38 -19.22
C ALA B 110 20.61 -3.70 -20.67
N LEU B 111 20.47 -2.66 -21.51
CA LEU B 111 20.13 -2.89 -22.94
C LEU B 111 21.30 -3.56 -23.65
N ARG B 112 22.53 -3.14 -23.35
CA ARG B 112 23.75 -3.74 -23.94
C ARG B 112 23.84 -5.22 -23.58
N GLU B 113 23.84 -5.56 -22.27
CA GLU B 113 23.97 -6.98 -21.83
C GLU B 113 22.83 -7.82 -22.43
N LEU B 114 21.61 -7.32 -22.42
CA LEU B 114 20.46 -8.07 -22.97
C LEU B 114 20.72 -8.37 -24.43
N GLU B 115 21.18 -7.39 -25.21
CA GLU B 115 21.48 -7.67 -26.64
C GLU B 115 22.62 -8.68 -26.80
N GLU B 116 23.71 -8.53 -26.05
CA GLU B 116 24.90 -9.40 -26.19
C GLU B 116 24.53 -10.84 -25.81
N GLU B 117 23.76 -11.00 -24.75
CA GLU B 117 23.49 -12.35 -24.19
C GLU B 117 22.32 -13.03 -24.93
N THR B 118 21.33 -12.28 -25.39
CA THR B 118 20.07 -12.86 -25.96
C THR B 118 19.88 -12.46 -27.43
N GLY B 119 20.49 -11.34 -27.87
CA GLY B 119 20.24 -10.75 -29.20
C GLY B 119 18.96 -9.93 -29.23
N TYR B 120 18.14 -9.87 -28.16
CA TYR B 120 16.91 -9.04 -28.14
C TYR B 120 17.25 -7.58 -27.87
N LYS B 121 16.47 -6.69 -28.50
CA LYS B 121 16.54 -5.21 -28.35
C LYS B 121 15.26 -4.81 -27.62
N GLY B 122 15.40 -4.28 -26.42
CA GLY B 122 14.27 -4.01 -25.52
C GLY B 122 14.21 -2.56 -25.13
N ASP B 123 13.18 -2.22 -24.36
CA ASP B 123 12.89 -0.86 -23.85
C ASP B 123 12.91 -0.93 -22.33
N ILE B 124 13.52 0.07 -21.70
CA ILE B 124 13.54 0.24 -20.22
C ILE B 124 12.12 0.50 -19.73
N ALA B 125 11.61 -0.36 -18.82
CA ALA B 125 10.33 -0.12 -18.14
C ALA B 125 10.61 0.57 -16.80
N GLU B 126 11.51 0.03 -15.99
CA GLU B 126 11.88 0.61 -14.67
C GLU B 126 13.28 0.13 -14.28
N CYS B 127 13.90 0.78 -13.30
CA CYS B 127 15.29 0.52 -12.86
C CYS B 127 15.34 0.62 -11.35
N SER B 128 15.75 -0.45 -10.69
CA SER B 128 15.83 -0.48 -9.21
C SER B 128 16.96 0.46 -8.75
N PRO B 129 16.96 0.90 -7.48
CA PRO B 129 18.18 1.34 -6.83
C PRO B 129 19.21 0.22 -6.68
N ALA B 130 20.45 0.54 -6.27
CA ALA B 130 21.46 -0.52 -6.06
C ALA B 130 20.92 -1.50 -5.00
N VAL B 131 20.92 -2.80 -5.29
CA VAL B 131 20.40 -3.85 -4.35
C VAL B 131 21.54 -4.85 -4.08
N CYS B 132 21.62 -5.43 -2.88
CA CYS B 132 22.78 -6.27 -2.54
C CYS B 132 22.58 -7.74 -2.98
N MET B 133 23.65 -8.38 -3.38
CA MET B 133 23.63 -9.77 -3.89
C MET B 133 23.68 -10.77 -2.73
N ASP B 134 24.61 -10.59 -1.77
CA ASP B 134 24.80 -11.57 -0.69
C ASP B 134 25.44 -10.83 0.47
N PRO B 135 24.69 -10.01 1.22
CA PRO B 135 25.31 -8.95 2.03
C PRO B 135 26.01 -9.51 3.29
N GLY B 136 25.72 -10.77 3.64
CA GLY B 136 26.46 -11.51 4.68
C GLY B 136 27.85 -11.91 4.19
N LEU B 137 28.10 -11.85 2.89
CA LEU B 137 29.38 -12.33 2.35
C LEU B 137 30.13 -11.19 1.65
N SER B 138 29.45 -10.43 0.79
CA SER B 138 30.10 -9.51 -0.17
C SER B 138 29.48 -8.11 -0.11
N ASN B 139 30.16 -7.13 -0.71
CA ASN B 139 29.54 -5.79 -0.92
C ASN B 139 28.91 -5.71 -2.31
N CYS B 140 28.74 -6.84 -3.03
CA CYS B 140 28.30 -6.86 -4.44
C CYS B 140 26.88 -6.35 -4.54
N THR B 141 26.68 -5.42 -5.49
CA THR B 141 25.37 -4.81 -5.76
C THR B 141 25.11 -4.84 -7.26
N ILE B 142 23.83 -4.79 -7.60
CA ILE B 142 23.31 -4.68 -8.98
C ILE B 142 22.14 -3.72 -9.01
N HIS B 143 21.85 -3.23 -10.20
CA HIS B 143 20.55 -2.61 -10.53
C HIS B 143 19.73 -3.70 -11.22
N ILE B 144 18.52 -3.95 -10.72
CA ILE B 144 17.52 -4.79 -11.42
C ILE B 144 16.78 -3.90 -12.41
N VAL B 145 16.87 -4.24 -13.68
CA VAL B 145 16.31 -3.40 -14.77
C VAL B 145 15.25 -4.25 -15.48
N THR B 146 14.00 -3.81 -15.34
CA THR B 146 12.84 -4.37 -16.04
C THR B 146 12.87 -3.76 -17.44
N VAL B 147 12.86 -4.61 -18.43
CA VAL B 147 12.94 -4.26 -19.87
C VAL B 147 11.83 -5.03 -20.57
N THR B 148 11.05 -4.36 -21.39
CA THR B 148 10.03 -5.06 -22.23
C THR B 148 10.67 -5.28 -23.60
N ILE B 149 10.37 -6.39 -24.24
CA ILE B 149 10.85 -6.67 -25.62
C ILE B 149 9.60 -6.82 -26.50
N ASN B 150 9.51 -5.98 -27.52
CA ASN B 150 8.41 -6.11 -28.49
C ASN B 150 8.81 -7.22 -29.46
N GLY B 151 8.39 -8.46 -29.18
CA GLY B 151 8.77 -9.64 -29.96
C GLY B 151 8.18 -9.61 -31.37
N ASP B 152 7.30 -8.66 -31.66
CA ASP B 152 6.65 -8.56 -32.99
C ASP B 152 7.42 -7.62 -33.93
N ASP B 153 8.39 -6.88 -33.40
CA ASP B 153 9.24 -5.92 -34.15
C ASP B 153 10.23 -6.71 -35.01
N ALA B 154 10.61 -6.16 -36.17
CA ALA B 154 11.55 -6.82 -37.11
C ALA B 154 12.91 -7.05 -36.44
N GLU B 155 13.35 -6.14 -35.57
CA GLU B 155 14.73 -6.23 -34.99
C GLU B 155 14.82 -7.41 -34.00
N ASN B 156 13.69 -8.00 -33.59
CA ASN B 156 13.61 -9.12 -32.61
C ASN B 156 13.07 -10.36 -33.31
N ALA B 157 13.00 -10.35 -34.65
CA ALA B 157 12.55 -11.51 -35.45
C ALA B 157 13.53 -12.67 -35.26
N ARG B 158 14.79 -12.47 -35.63
CA ARG B 158 15.88 -13.48 -35.55
C ARG B 158 16.97 -12.88 -34.68
N PRO B 159 16.84 -12.94 -33.33
CA PRO B 159 17.73 -12.19 -32.44
C PRO B 159 19.18 -12.66 -32.61
N LYS B 160 20.10 -11.73 -32.94
CA LYS B 160 21.56 -11.98 -33.11
C LYS B 160 22.30 -11.73 -31.79
N PRO B 161 22.57 -12.76 -30.93
CA PRO B 161 23.44 -12.59 -29.76
C PRO B 161 24.89 -12.23 -30.13
N LYS B 162 25.47 -11.20 -29.49
CA LYS B 162 26.86 -10.72 -29.73
C LYS B 162 27.68 -10.87 -28.45
N PRO B 163 27.97 -12.11 -28.00
CA PRO B 163 28.61 -12.31 -26.70
C PRO B 163 30.11 -12.03 -26.78
N GLY B 164 30.66 -11.35 -25.75
CA GLY B 164 32.10 -11.03 -25.65
C GLY B 164 32.97 -12.28 -25.57
N ASP B 165 34.29 -12.09 -25.53
CA ASP B 165 35.29 -13.16 -25.35
C ASP B 165 34.87 -14.07 -24.18
N GLY B 166 34.92 -15.39 -24.39
CA GLY B 166 34.79 -16.41 -23.32
C GLY B 166 33.40 -16.46 -22.69
N GLU B 167 32.38 -15.88 -23.34
CA GLU B 167 30.96 -15.98 -22.91
C GLU B 167 30.26 -17.00 -23.82
N PHE B 168 29.51 -17.91 -23.20
CA PHE B 168 28.85 -19.03 -23.90
C PHE B 168 27.46 -19.19 -23.29
N VAL B 169 26.45 -18.63 -23.96
CA VAL B 169 25.12 -18.37 -23.35
C VAL B 169 24.03 -19.04 -24.19
N GLU B 170 23.20 -19.86 -23.54
CA GLU B 170 21.97 -20.45 -24.13
C GLU B 170 20.81 -19.58 -23.66
N VAL B 171 19.91 -19.20 -24.56
CA VAL B 171 18.72 -18.38 -24.20
C VAL B 171 17.59 -19.38 -23.91
N ILE B 172 16.83 -19.13 -22.85
CA ILE B 172 15.66 -19.97 -22.46
C ILE B 172 14.53 -19.02 -22.09
N SER B 173 13.48 -18.98 -22.93
CA SER B 173 12.28 -18.15 -22.73
C SER B 173 11.18 -18.98 -22.09
N LEU B 174 10.67 -18.53 -20.95
CA LEU B 174 9.65 -19.30 -20.22
C LEU B 174 8.45 -18.41 -20.02
N PRO B 175 7.22 -18.97 -20.15
CA PRO B 175 6.01 -18.18 -19.93
C PRO B 175 5.96 -17.62 -18.52
N LYS B 176 5.72 -16.31 -18.40
CA LYS B 176 5.61 -15.58 -17.10
C LYS B 176 4.55 -16.23 -16.20
N ASN B 177 3.39 -16.63 -16.76
CA ASN B 177 2.22 -17.11 -15.97
C ASN B 177 2.47 -18.48 -15.35
N ASP B 178 3.52 -19.21 -15.74
CA ASP B 178 3.81 -20.56 -15.16
C ASP B 178 5.29 -20.66 -14.76
N LEU B 179 5.97 -19.53 -14.53
CA LEU B 179 7.46 -19.46 -14.44
C LEU B 179 7.95 -20.47 -13.41
N LEU B 180 7.40 -20.46 -12.20
CA LEU B 180 7.92 -21.31 -11.12
C LEU B 180 7.86 -22.81 -11.47
N GLN B 181 6.71 -23.28 -11.97
CA GLN B 181 6.52 -24.69 -12.39
C GLN B 181 7.48 -25.03 -13.53
N ARG B 182 7.64 -24.11 -14.50
CA ARG B 182 8.61 -24.32 -15.61
C ARG B 182 10.06 -24.41 -15.08
N LEU B 183 10.44 -23.59 -14.09
CA LEU B 183 11.82 -23.62 -13.56
C LEU B 183 12.03 -24.94 -12.80
N ASP B 184 11.07 -25.30 -11.96
CA ASP B 184 11.10 -26.58 -11.19
C ASP B 184 11.31 -27.77 -12.15
N ALA B 185 10.62 -27.79 -13.30
CA ALA B 185 10.77 -28.86 -14.32
C ALA B 185 12.19 -28.90 -14.88
N LEU B 186 12.78 -27.74 -15.23
CA LEU B 186 14.18 -27.68 -15.75
C LEU B 186 15.15 -28.29 -14.74
N VAL B 187 15.00 -27.93 -13.47
CA VAL B 187 15.83 -28.46 -12.36
C VAL B 187 15.67 -29.98 -12.24
N ALA B 188 14.47 -30.52 -12.46
CA ALA B 188 14.15 -31.97 -12.28
C ALA B 188 14.77 -32.81 -13.42
N GLU B 189 14.82 -32.29 -14.64
CA GLU B 189 15.30 -33.06 -15.82
C GLU B 189 16.80 -32.85 -16.03
N GLU B 190 17.32 -31.64 -15.78
CA GLU B 190 18.54 -31.13 -16.45
C GLU B 190 19.74 -30.93 -15.50
N HIS B 191 19.63 -31.27 -14.19
CA HIS B 191 20.59 -30.91 -13.11
C HIS B 191 21.23 -29.53 -13.32
N LEU B 192 20.40 -28.49 -13.25
CA LEU B 192 20.76 -27.05 -13.33
C LEU B 192 20.58 -26.43 -11.95
N THR B 193 21.14 -25.24 -11.75
CA THR B 193 20.85 -24.43 -10.54
C THR B 193 20.16 -23.15 -11.02
N VAL B 194 18.96 -22.89 -10.47
CA VAL B 194 18.22 -21.65 -10.69
C VAL B 194 18.81 -20.60 -9.77
N ASP B 195 19.03 -19.44 -10.32
CA ASP B 195 19.42 -18.23 -9.60
C ASP B 195 18.38 -17.80 -8.56
N ALA B 196 18.82 -17.32 -7.40
CA ALA B 196 17.93 -16.98 -6.29
C ALA B 196 17.00 -15.81 -6.63
N ARG B 197 17.48 -14.84 -7.42
CA ARG B 197 16.63 -13.69 -7.81
C ARG B 197 15.56 -14.20 -8.77
N VAL B 198 15.94 -15.03 -9.75
CA VAL B 198 14.96 -15.65 -10.69
C VAL B 198 13.92 -16.43 -9.87
N TYR B 199 14.34 -17.27 -8.94
CA TYR B 199 13.40 -18.10 -8.16
C TYR B 199 12.49 -17.19 -7.30
N SER B 200 13.04 -16.13 -6.72
CA SER B 200 12.30 -15.17 -5.86
C SER B 200 11.19 -14.49 -6.67
N TYR B 201 11.52 -14.04 -7.88
CA TYR B 201 10.56 -13.43 -8.85
C TYR B 201 9.45 -14.45 -9.16
N ALA B 202 9.82 -15.67 -9.54
CA ALA B 202 8.87 -16.75 -9.94
C ALA B 202 7.93 -17.03 -8.76
N LEU B 203 8.50 -17.11 -7.55
CA LEU B 203 7.68 -17.36 -6.34
C LEU B 203 6.63 -16.27 -6.18
N ALA B 204 7.02 -15.00 -6.21
CA ALA B 204 6.10 -13.87 -6.02
C ALA B 204 5.04 -13.84 -7.13
N LEU B 205 5.34 -14.27 -8.35
CA LEU B 205 4.30 -14.35 -9.41
C LEU B 205 3.18 -15.31 -8.98
N LYS B 206 3.54 -16.40 -8.30
CA LYS B 206 2.56 -17.39 -7.78
C LYS B 206 1.89 -16.83 -6.52
N HIS B 207 2.67 -16.21 -5.62
CA HIS B 207 2.16 -15.65 -4.33
C HIS B 207 1.23 -14.40 -4.47
N ALA B 208 1.35 -13.61 -5.54
CA ALA B 208 0.51 -12.41 -5.80
C ALA B 208 -0.98 -12.77 -5.68
N ASN B 209 -1.36 -13.93 -6.23
CA ASN B 209 -2.67 -14.60 -6.08
C ASN B 209 -2.43 -16.10 -5.84
N GLN C 16 -17.75 -10.60 12.50
CA GLN C 16 -19.09 -10.40 11.82
C GLN C 16 -18.87 -10.51 10.30
N TYR C 17 -19.88 -10.92 9.54
CA TYR C 17 -19.76 -11.09 8.07
C TYR C 17 -21.13 -11.10 7.41
N ILE C 18 -21.14 -10.94 6.08
CA ILE C 18 -22.36 -10.86 5.23
C ILE C 18 -22.80 -12.28 4.83
N ILE C 19 -24.00 -12.70 5.26
CA ILE C 19 -24.60 -14.02 4.89
C ILE C 19 -25.25 -13.91 3.49
N SER C 20 -25.97 -12.83 3.20
CA SER C 20 -26.71 -12.65 1.92
C SER C 20 -27.23 -11.22 1.78
N GLU C 21 -27.30 -10.77 0.52
CA GLU C 21 -27.88 -9.47 0.07
C GLU C 21 -29.09 -9.78 -0.83
N GLU C 22 -30.30 -9.64 -0.28
CA GLU C 22 -31.59 -9.83 -0.98
C GLU C 22 -32.03 -8.48 -1.56
N LEU C 23 -32.24 -8.44 -2.88
CA LEU C 23 -32.64 -7.23 -3.66
C LEU C 23 -34.12 -6.87 -3.38
N ILE C 24 -34.39 -5.66 -2.86
CA ILE C 24 -35.76 -5.16 -2.46
C ILE C 24 -36.36 -4.24 -3.54
N SER C 25 -35.58 -3.38 -4.23
CA SER C 25 -36.04 -2.59 -5.41
C SER C 25 -34.83 -2.04 -6.20
N GLU C 26 -34.93 -2.01 -7.53
CA GLU C 26 -33.86 -1.58 -8.46
C GLU C 26 -34.34 -0.37 -9.27
N GLY C 27 -33.57 0.72 -9.25
CA GLY C 27 -33.82 1.92 -10.08
C GLY C 27 -32.78 2.04 -11.19
N LYS C 28 -32.85 3.14 -11.95
CA LYS C 28 -31.84 3.51 -12.98
C LYS C 28 -30.53 3.92 -12.30
N TRP C 29 -30.59 4.52 -11.10
CA TRP C 29 -29.44 5.18 -10.42
C TRP C 29 -29.13 4.55 -9.06
N VAL C 30 -30.12 3.95 -8.38
CA VAL C 30 -29.98 3.46 -6.98
C VAL C 30 -30.79 2.16 -6.81
N LYS C 31 -30.45 1.36 -5.79
CA LYS C 31 -31.22 0.15 -5.41
C LYS C 31 -31.20 0.00 -3.89
N LEU C 32 -32.18 -0.74 -3.36
CA LEU C 32 -32.35 -1.05 -1.92
C LEU C 32 -32.14 -2.56 -1.74
N GLU C 33 -31.60 -3.00 -0.60
CA GLU C 33 -31.34 -4.43 -0.33
C GLU C 33 -31.66 -4.79 1.12
N LYS C 34 -32.30 -5.95 1.31
CA LYS C 34 -32.31 -6.70 2.58
C LYS C 34 -30.94 -7.36 2.73
N THR C 35 -30.24 -7.09 3.84
CA THR C 35 -28.90 -7.67 4.13
C THR C 35 -29.01 -8.50 5.42
N THR C 36 -28.46 -9.72 5.41
CA THR C 36 -28.50 -10.63 6.58
C THR C 36 -27.04 -10.92 6.92
N TYR C 37 -26.68 -10.82 8.20
CA TYR C 37 -25.27 -10.78 8.67
C TYR C 37 -25.21 -11.50 10.02
N MET C 38 -24.07 -12.15 10.31
CA MET C 38 -23.75 -12.78 11.61
C MET C 38 -23.22 -11.70 12.56
N ASP C 39 -23.85 -11.54 13.74
CA ASP C 39 -23.39 -10.57 14.77
C ASP C 39 -22.20 -11.22 15.49
N PRO C 40 -21.54 -10.47 16.39
CA PRO C 40 -20.38 -11.01 17.09
C PRO C 40 -20.70 -12.21 18.00
N THR C 41 -21.87 -12.20 18.67
CA THR C 41 -22.30 -13.26 19.63
C THR C 41 -22.62 -14.59 18.93
N GLY C 42 -23.02 -14.53 17.65
CA GLY C 42 -23.45 -15.70 16.85
C GLY C 42 -24.93 -15.66 16.51
N LYS C 43 -25.62 -14.55 16.81
CA LYS C 43 -27.03 -14.31 16.40
C LYS C 43 -27.08 -13.69 15.00
N THR C 44 -27.76 -14.38 14.07
CA THR C 44 -28.10 -13.89 12.70
C THR C 44 -29.02 -12.67 12.84
N ARG C 45 -28.73 -11.57 12.13
CA ARG C 45 -29.51 -10.31 12.18
C ARG C 45 -29.71 -9.81 10.75
N THR C 46 -30.46 -8.70 10.57
CA THR C 46 -30.81 -8.15 9.23
C THR C 46 -30.69 -6.62 9.24
N TRP C 47 -30.61 -6.02 8.06
CA TRP C 47 -30.37 -4.56 7.88
C TRP C 47 -30.91 -4.14 6.53
N GLU C 48 -31.37 -2.90 6.41
CA GLU C 48 -31.78 -2.32 5.10
C GLU C 48 -30.62 -1.46 4.57
N SER C 49 -30.06 -1.90 3.45
CA SER C 49 -28.82 -1.34 2.83
C SER C 49 -29.15 -0.74 1.47
N VAL C 50 -28.59 0.43 1.18
CA VAL C 50 -28.70 1.14 -0.12
C VAL C 50 -27.36 1.05 -0.84
N LYS C 51 -27.41 0.87 -2.16
CA LYS C 51 -26.23 0.88 -3.06
C LYS C 51 -26.61 1.60 -4.36
N ARG C 52 -25.64 2.26 -5.02
CA ARG C 52 -25.82 2.83 -6.38
C ARG C 52 -25.62 1.71 -7.40
N THR C 53 -26.17 1.89 -8.60
CA THR C 53 -26.11 0.89 -9.71
C THR C 53 -25.00 1.23 -10.70
N THR C 54 -24.43 2.43 -10.59
CA THR C 54 -23.48 3.04 -11.56
C THR C 54 -22.03 2.60 -11.29
N ARG C 55 -21.79 1.92 -10.14
CA ARG C 55 -20.46 1.53 -9.62
C ARG C 55 -20.02 0.20 -10.23
N LYS C 56 -19.15 0.25 -11.24
CA LYS C 56 -18.35 -0.92 -11.71
C LYS C 56 -17.31 -1.23 -10.62
N GLU C 57 -16.51 -2.29 -10.81
CA GLU C 57 -15.35 -2.60 -9.94
C GLU C 57 -14.32 -1.48 -10.09
N GLN C 58 -14.60 -0.30 -9.49
CA GLN C 58 -13.72 0.89 -9.46
C GLN C 58 -13.35 1.18 -8.00
N THR C 59 -12.48 2.18 -7.78
CA THR C 59 -11.96 2.58 -6.44
C THR C 59 -13.12 2.97 -5.52
N ALA C 60 -14.11 3.69 -6.07
CA ALA C 60 -15.23 4.29 -5.30
C ALA C 60 -16.31 4.77 -6.26
N ASP C 61 -17.47 5.17 -5.71
CA ASP C 61 -18.53 5.75 -6.54
C ASP C 61 -18.02 7.08 -7.13
N GLY C 62 -17.43 7.92 -6.28
CA GLY C 62 -17.22 9.32 -6.73
C GLY C 62 -16.01 9.95 -6.12
N VAL C 63 -15.81 11.23 -6.43
CA VAL C 63 -14.75 12.07 -5.80
C VAL C 63 -15.41 13.33 -5.24
N ALA C 64 -14.89 13.81 -4.12
CA ALA C 64 -15.18 15.15 -3.58
C ALA C 64 -13.85 15.90 -3.60
N VAL C 65 -13.86 17.13 -4.09
CA VAL C 65 -12.63 17.91 -4.28
C VAL C 65 -12.59 19.00 -3.23
N ILE C 66 -11.50 19.07 -2.45
CA ILE C 66 -11.24 20.19 -1.51
C ILE C 66 -10.34 21.18 -2.26
N PRO C 67 -10.93 22.23 -2.90
CA PRO C 67 -10.20 23.04 -3.86
C PRO C 67 -9.68 24.29 -3.15
N VAL C 68 -8.38 24.32 -2.93
CA VAL C 68 -7.77 25.41 -2.15
C VAL C 68 -7.27 26.43 -3.15
N LEU C 69 -7.96 27.54 -3.21
CA LEU C 69 -7.60 28.71 -4.08
C LEU C 69 -6.48 29.50 -3.42
N GLN C 70 -5.30 29.47 -4.02
CA GLN C 70 -4.05 30.03 -3.52
C GLN C 70 -3.71 31.28 -4.33
N ARG C 71 -3.40 32.36 -3.65
CA ARG C 71 -3.09 33.65 -4.34
C ARG C 71 -1.99 34.37 -3.57
N THR C 72 -1.08 35.04 -4.28
CA THR C 72 0.08 35.75 -3.69
C THR C 72 -0.39 36.69 -2.57
N LEU C 73 -1.45 37.42 -2.81
CA LEU C 73 -1.79 38.60 -1.96
C LEU C 73 -2.76 38.24 -0.84
N HIS C 74 -3.26 37.00 -0.80
CA HIS C 74 -4.46 36.69 0.02
C HIS C 74 -4.30 35.42 0.83
N TYR C 75 -5.10 35.33 1.88
CA TYR C 75 -5.32 34.05 2.59
C TYR C 75 -6.00 33.10 1.62
N GLU C 76 -5.80 31.81 1.86
CA GLU C 76 -6.44 30.76 1.03
C GLU C 76 -7.96 30.83 1.17
N CYS C 77 -8.64 30.48 0.08
CA CYS C 77 -10.08 30.24 0.06
C CYS C 77 -10.35 28.77 -0.21
N ILE C 78 -11.50 28.30 0.24
CA ILE C 78 -12.04 26.98 -0.12
C ILE C 78 -13.16 27.25 -1.11
N VAL C 79 -13.12 26.57 -2.24
CA VAL C 79 -14.10 26.78 -3.34
C VAL C 79 -15.20 25.74 -3.16
N LEU C 80 -16.44 26.18 -2.99
CA LEU C 80 -17.60 25.28 -2.79
C LEU C 80 -18.59 25.59 -3.91
N VAL C 81 -19.53 24.67 -4.04
CA VAL C 81 -20.65 24.84 -5.00
C VAL C 81 -21.97 24.79 -4.25
N LYS C 82 -22.92 25.56 -4.77
CA LYS C 82 -24.31 25.54 -4.30
C LYS C 82 -25.16 25.08 -5.48
N GLN C 83 -25.95 24.05 -5.22
CA GLN C 83 -26.86 23.47 -6.24
C GLN C 83 -28.14 22.98 -5.57
N PHE C 84 -29.21 22.98 -6.35
CA PHE C 84 -30.47 22.34 -5.95
C PHE C 84 -30.25 20.82 -5.93
N ARG C 85 -30.65 20.17 -4.86
CA ARG C 85 -30.50 18.71 -4.63
C ARG C 85 -31.87 18.12 -4.42
N PRO C 86 -32.45 17.47 -5.46
CA PRO C 86 -33.80 16.92 -5.35
C PRO C 86 -34.08 16.06 -4.12
N PRO C 87 -33.18 15.17 -3.68
CA PRO C 87 -33.47 14.36 -2.49
C PRO C 87 -33.62 15.25 -1.23
N MET C 88 -32.99 16.44 -1.19
CA MET C 88 -33.06 17.38 -0.04
C MET C 88 -34.23 18.36 -0.19
N GLY C 89 -34.78 18.48 -1.39
CA GLY C 89 -35.85 19.46 -1.70
C GLY C 89 -35.35 20.88 -1.54
N GLY C 90 -34.05 21.10 -1.67
CA GLY C 90 -33.49 22.43 -1.52
C GLY C 90 -32.04 22.49 -1.93
N TYR C 91 -31.45 23.66 -1.65
CA TYR C 91 -30.09 24.05 -2.06
C TYR C 91 -29.14 23.54 -1.01
N CYS C 92 -27.99 23.02 -1.48
CA CYS C 92 -26.92 22.49 -0.60
C CYS C 92 -25.60 23.15 -0.96
N ILE C 93 -24.74 23.34 0.05
CA ILE C 93 -23.37 23.88 -0.09
C ILE C 93 -22.41 22.68 0.11
N GLU C 94 -21.67 22.36 -0.93
CA GLU C 94 -20.83 21.11 -1.00
C GLU C 94 -19.47 21.43 -1.58
N PHE C 95 -18.55 20.49 -1.36
CA PHE C 95 -17.35 20.38 -2.20
C PHE C 95 -17.79 20.02 -3.61
N PRO C 96 -17.15 20.60 -4.62
CA PRO C 96 -17.30 20.14 -6.00
C PRO C 96 -17.11 18.62 -6.00
N ALA C 97 -17.98 17.91 -6.70
CA ALA C 97 -18.06 16.45 -6.65
C ALA C 97 -18.73 15.88 -7.91
N GLY C 98 -18.37 14.63 -8.24
CA GLY C 98 -19.08 13.85 -9.26
C GLY C 98 -18.65 12.40 -9.24
N LEU C 99 -19.38 11.56 -9.96
CA LEU C 99 -19.08 10.11 -10.05
C LEU C 99 -17.84 9.93 -10.92
N ILE C 100 -17.03 8.92 -10.60
CA ILE C 100 -15.83 8.54 -11.41
C ILE C 100 -16.31 7.83 -12.69
N ASP C 101 -16.02 8.41 -13.86
CA ASP C 101 -16.39 7.85 -15.19
C ASP C 101 -15.69 6.50 -15.36
N ASP C 102 -16.08 5.73 -16.38
CA ASP C 102 -15.48 4.41 -16.71
C ASP C 102 -14.04 4.62 -17.20
N GLY C 103 -13.08 3.90 -16.60
CA GLY C 103 -11.67 3.90 -17.01
C GLY C 103 -10.95 5.17 -16.59
N GLU C 104 -11.51 5.90 -15.62
CA GLU C 104 -11.02 7.22 -15.12
C GLU C 104 -10.41 7.01 -13.73
N THR C 105 -9.27 7.64 -13.47
CA THR C 105 -8.66 7.69 -12.12
C THR C 105 -9.43 8.68 -11.25
N PRO C 106 -9.51 8.48 -9.91
CA PRO C 106 -10.05 9.51 -9.03
C PRO C 106 -9.43 10.87 -9.32
N GLU C 107 -8.10 10.91 -9.55
CA GLU C 107 -7.37 12.20 -9.69
C GLU C 107 -7.88 12.94 -10.93
N ALA C 108 -8.06 12.26 -12.05
CA ALA C 108 -8.51 12.85 -13.33
C ALA C 108 -9.97 13.31 -13.15
N ALA C 109 -10.78 12.47 -12.50
CA ALA C 109 -12.19 12.73 -12.15
C ALA C 109 -12.25 14.04 -11.35
N ALA C 110 -11.33 14.22 -10.41
CA ALA C 110 -11.35 15.37 -9.51
C ALA C 110 -11.07 16.64 -10.32
N LEU C 111 -10.05 16.63 -11.17
CA LEU C 111 -9.69 17.86 -11.94
C LEU C 111 -10.78 18.16 -12.99
N ARG C 112 -11.38 17.13 -13.58
CA ARG C 112 -12.51 17.27 -14.56
C ARG C 112 -13.74 17.89 -13.87
N GLU C 113 -14.20 17.30 -12.76
CA GLU C 113 -15.39 17.78 -12.00
C GLU C 113 -15.12 19.21 -11.50
N LEU C 114 -13.90 19.49 -11.04
CA LEU C 114 -13.55 20.84 -10.52
C LEU C 114 -13.68 21.84 -11.67
N GLU C 115 -13.08 21.54 -12.82
CA GLU C 115 -13.11 22.48 -13.97
C GLU C 115 -14.57 22.68 -14.44
N GLU C 116 -15.37 21.62 -14.51
CA GLU C 116 -16.78 21.65 -14.98
C GLU C 116 -17.65 22.49 -14.05
N GLU C 117 -17.46 22.34 -12.74
CA GLU C 117 -18.40 22.86 -11.73
C GLU C 117 -17.98 24.27 -11.34
N THR C 118 -16.72 24.65 -11.47
CA THR C 118 -16.18 25.94 -10.97
C THR C 118 -15.45 26.76 -12.05
N GLY C 119 -14.99 26.11 -13.12
CA GLY C 119 -14.13 26.71 -14.15
C GLY C 119 -12.68 26.76 -13.73
N TYR C 120 -12.32 26.38 -12.49
CA TYR C 120 -10.91 26.44 -12.05
C TYR C 120 -10.08 25.29 -12.65
N LYS C 121 -8.87 25.61 -13.07
CA LYS C 121 -7.81 24.62 -13.42
C LYS C 121 -6.87 24.40 -12.22
N GLY C 122 -6.91 23.20 -11.64
CA GLY C 122 -6.20 22.83 -10.42
C GLY C 122 -5.06 21.85 -10.61
N ASP C 123 -4.32 21.62 -9.53
CA ASP C 123 -3.19 20.67 -9.44
C ASP C 123 -3.50 19.70 -8.29
N ILE C 124 -3.38 18.39 -8.51
CA ILE C 124 -3.57 17.41 -7.40
C ILE C 124 -2.55 17.70 -6.31
N ALA C 125 -2.98 17.74 -5.05
CA ALA C 125 -2.08 17.79 -3.88
C ALA C 125 -2.06 16.40 -3.22
N GLU C 126 -3.19 15.73 -3.15
CA GLU C 126 -3.33 14.51 -2.29
C GLU C 126 -4.64 13.82 -2.67
N CYS C 127 -4.73 12.52 -2.43
CA CYS C 127 -5.94 11.75 -2.77
C CYS C 127 -6.14 10.71 -1.66
N SER C 128 -7.29 10.77 -0.99
CA SER C 128 -7.64 9.86 0.13
C SER C 128 -7.79 8.46 -0.41
N PRO C 129 -7.79 7.47 0.50
CA PRO C 129 -8.39 6.18 0.21
C PRO C 129 -9.90 6.33 0.03
N ALA C 130 -10.59 5.30 -0.47
CA ALA C 130 -12.06 5.25 -0.51
C ALA C 130 -12.61 5.35 0.92
N VAL C 131 -13.44 6.37 1.18
CA VAL C 131 -14.01 6.70 2.52
C VAL C 131 -15.53 6.64 2.36
N CYS C 132 -16.20 6.12 3.40
CA CYS C 132 -17.65 5.87 3.39
C CYS C 132 -18.44 7.20 3.60
N MET C 133 -19.55 7.33 2.90
CA MET C 133 -20.48 8.50 3.00
C MET C 133 -21.47 8.38 4.18
N ASP C 134 -22.07 7.21 4.38
CA ASP C 134 -23.13 7.07 5.42
C ASP C 134 -23.25 5.58 5.68
N PRO C 135 -22.25 4.99 6.38
CA PRO C 135 -22.07 3.53 6.37
C PRO C 135 -23.16 2.73 7.09
N GLY C 136 -23.97 3.39 7.92
CA GLY C 136 -25.15 2.78 8.57
C GLY C 136 -26.33 2.64 7.61
N LEU C 137 -26.16 3.13 6.38
CA LEU C 137 -27.28 3.27 5.41
C LEU C 137 -26.85 2.76 4.03
N SER C 138 -25.69 3.15 3.52
CA SER C 138 -25.30 2.85 2.12
C SER C 138 -23.87 2.33 2.12
N ASN C 139 -23.47 1.73 1.01
CA ASN C 139 -22.07 1.32 0.77
C ASN C 139 -21.32 2.44 0.01
N CYS C 140 -21.93 3.60 -0.18
CA CYS C 140 -21.39 4.66 -1.08
C CYS C 140 -20.03 5.13 -0.59
N THR C 141 -19.05 5.24 -1.49
CA THR C 141 -17.67 5.69 -1.17
C THR C 141 -17.25 6.80 -2.14
N ILE C 142 -16.33 7.63 -1.66
CA ILE C 142 -15.61 8.60 -2.51
C ILE C 142 -14.12 8.56 -2.20
N HIS C 143 -13.33 9.19 -3.07
CA HIS C 143 -11.99 9.71 -2.72
C HIS C 143 -12.17 11.22 -2.47
N ILE C 144 -11.67 11.70 -1.35
CA ILE C 144 -11.51 13.14 -1.04
C ILE C 144 -10.16 13.53 -1.63
N VAL C 145 -10.21 14.36 -2.68
CA VAL C 145 -9.01 14.78 -3.41
C VAL C 145 -8.76 16.28 -3.14
N THR C 146 -7.66 16.59 -2.48
CA THR C 146 -7.21 17.97 -2.22
C THR C 146 -6.61 18.48 -3.51
N VAL C 147 -7.07 19.63 -3.98
CA VAL C 147 -6.57 20.22 -5.24
C VAL C 147 -6.18 21.67 -4.96
N THR C 148 -5.00 22.09 -5.35
CA THR C 148 -4.56 23.51 -5.23
C THR C 148 -4.92 24.21 -6.54
N ILE C 149 -5.37 25.45 -6.44
CA ILE C 149 -5.67 26.30 -7.61
C ILE C 149 -4.78 27.53 -7.49
N ASN C 150 -3.92 27.73 -8.48
CA ASN C 150 -3.13 28.97 -8.63
C ASN C 150 -4.07 30.06 -9.14
N GLY C 151 -4.60 30.82 -8.19
CA GLY C 151 -5.53 31.93 -8.45
C GLY C 151 -4.87 33.07 -9.21
N ASP C 152 -3.54 33.15 -9.26
CA ASP C 152 -2.82 34.27 -9.92
C ASP C 152 -2.41 33.88 -11.34
N ASP C 153 -2.60 32.62 -11.74
CA ASP C 153 -2.31 32.24 -13.15
C ASP C 153 -3.38 32.89 -14.02
N ALA C 154 -2.96 33.55 -15.10
CA ALA C 154 -3.85 34.14 -16.13
C ALA C 154 -4.94 33.13 -16.49
N GLU C 155 -4.58 31.86 -16.70
CA GLU C 155 -5.56 30.81 -17.10
C GLU C 155 -6.69 30.69 -16.06
N ASN C 156 -6.49 31.07 -14.80
CA ASN C 156 -7.57 31.04 -13.79
C ASN C 156 -8.16 32.43 -13.54
N ALA C 157 -7.83 33.42 -14.38
CA ALA C 157 -8.27 34.84 -14.23
C ALA C 157 -9.79 34.95 -14.26
N ARG C 158 -10.47 34.25 -15.17
CA ARG C 158 -11.93 34.45 -15.34
C ARG C 158 -12.60 33.08 -15.41
N PRO C 159 -12.63 32.33 -14.29
CA PRO C 159 -13.17 30.97 -14.30
C PRO C 159 -14.60 30.93 -14.84
N LYS C 160 -14.84 30.10 -15.86
CA LYS C 160 -16.19 29.87 -16.44
C LYS C 160 -16.53 28.40 -16.23
N PRO C 161 -17.44 28.07 -15.31
CA PRO C 161 -17.94 26.71 -15.17
C PRO C 161 -18.47 26.27 -16.54
N LYS C 162 -18.28 25.01 -16.93
CA LYS C 162 -18.97 24.41 -18.10
C LYS C 162 -19.76 23.21 -17.59
N PRO C 163 -20.92 23.42 -16.95
CA PRO C 163 -21.65 22.31 -16.35
C PRO C 163 -22.29 21.44 -17.44
N GLY C 164 -22.55 20.19 -17.12
CA GLY C 164 -23.30 19.28 -18.01
C GLY C 164 -24.75 19.71 -18.14
N ASP C 165 -25.48 19.05 -19.03
CA ASP C 165 -26.96 19.18 -19.20
C ASP C 165 -27.62 18.77 -17.89
N GLY C 166 -28.52 19.62 -17.36
CA GLY C 166 -29.17 19.37 -16.07
C GLY C 166 -28.19 19.53 -14.90
N GLU C 167 -27.08 20.26 -15.10
CA GLU C 167 -26.15 20.68 -14.03
C GLU C 167 -26.27 22.20 -13.90
N PHE C 168 -26.64 22.65 -12.71
CA PHE C 168 -26.88 24.08 -12.37
C PHE C 168 -26.13 24.35 -11.08
N VAL C 169 -25.05 25.11 -11.17
CA VAL C 169 -24.07 25.25 -10.07
C VAL C 169 -23.75 26.71 -9.90
N GLU C 170 -23.75 27.14 -8.64
CA GLU C 170 -23.26 28.48 -8.26
C GLU C 170 -21.97 28.22 -7.47
N VAL C 171 -20.95 29.00 -7.74
CA VAL C 171 -19.63 28.85 -7.09
C VAL C 171 -19.57 29.85 -5.95
N ILE C 172 -19.19 29.39 -4.75
CA ILE C 172 -18.94 30.25 -3.55
C ILE C 172 -17.53 29.90 -3.05
N SER C 173 -16.63 30.88 -3.03
CA SER C 173 -15.27 30.78 -2.44
C SER C 173 -15.23 31.49 -1.09
N LEU C 174 -14.92 30.76 -0.02
CA LEU C 174 -14.90 31.30 1.37
C LEU C 174 -13.50 31.17 1.93
N PRO C 175 -13.06 32.12 2.79
CA PRO C 175 -11.71 32.10 3.33
C PRO C 175 -11.56 30.87 4.24
N LYS C 176 -10.45 30.16 4.09
CA LYS C 176 -10.17 28.93 4.87
C LYS C 176 -10.11 29.28 6.37
N ASN C 177 -9.56 30.45 6.69
CA ASN C 177 -9.27 30.87 8.09
C ASN C 177 -10.54 31.40 8.76
N ASP C 178 -11.68 31.40 8.07
CA ASP C 178 -12.98 31.81 8.64
C ASP C 178 -14.12 30.93 8.11
N LEU C 179 -13.85 29.67 7.75
CA LEU C 179 -14.82 28.87 6.96
C LEU C 179 -16.13 28.69 7.73
N LEU C 180 -16.08 28.23 8.99
CA LEU C 180 -17.28 27.89 9.78
C LEU C 180 -18.19 29.12 9.95
N GLN C 181 -17.65 30.25 10.44
CA GLN C 181 -18.40 31.53 10.58
C GLN C 181 -19.05 31.89 9.23
N ARG C 182 -18.31 31.77 8.16
CA ARG C 182 -18.80 32.20 6.82
C ARG C 182 -19.87 31.23 6.34
N LEU C 183 -19.80 29.93 6.68
CA LEU C 183 -20.87 28.96 6.39
C LEU C 183 -22.09 29.28 7.27
N ASP C 184 -21.90 29.47 8.57
CA ASP C 184 -22.99 29.92 9.49
C ASP C 184 -23.71 31.11 8.87
N ALA C 185 -23.01 32.07 8.28
CA ALA C 185 -23.60 33.35 7.80
C ALA C 185 -24.37 33.14 6.48
N LEU C 186 -24.02 32.15 5.66
CA LEU C 186 -24.85 31.76 4.47
C LEU C 186 -26.11 31.05 4.92
N VAL C 187 -26.03 30.23 5.98
CA VAL C 187 -27.16 29.41 6.55
C VAL C 187 -28.22 30.37 7.12
N ALA C 188 -27.82 31.53 7.62
CA ALA C 188 -28.72 32.55 8.26
C ALA C 188 -29.39 33.40 7.18
N GLU C 189 -28.68 33.76 6.11
CA GLU C 189 -29.24 34.57 5.00
C GLU C 189 -30.36 33.79 4.31
N GLU C 190 -30.26 32.44 4.16
CA GLU C 190 -31.09 31.64 3.22
C GLU C 190 -31.45 30.26 3.80
N HIS C 191 -32.47 29.60 3.21
CA HIS C 191 -32.76 28.16 3.44
C HIS C 191 -31.76 27.36 2.59
N LEU C 192 -30.66 26.96 3.20
CA LEU C 192 -29.68 26.08 2.54
C LEU C 192 -29.05 25.16 3.58
N THR C 193 -28.64 24.00 3.11
CA THR C 193 -28.05 22.94 3.96
C THR C 193 -26.56 22.85 3.61
N VAL C 194 -25.68 22.85 4.61
CA VAL C 194 -24.24 22.59 4.41
C VAL C 194 -24.02 21.08 4.41
N ASP C 195 -23.12 20.64 3.56
CA ASP C 195 -22.73 19.21 3.50
C ASP C 195 -21.97 18.83 4.78
N ALA C 196 -22.19 17.61 5.29
CA ALA C 196 -21.56 17.13 6.55
C ALA C 196 -20.03 17.04 6.42
N ARG C 197 -19.52 16.80 5.23
CA ARG C 197 -18.05 16.72 5.04
C ARG C 197 -17.47 18.14 5.02
N VAL C 198 -18.16 19.08 4.38
CA VAL C 198 -17.73 20.50 4.42
C VAL C 198 -17.72 21.00 5.87
N TYR C 199 -18.77 20.73 6.63
CA TYR C 199 -18.94 21.18 8.02
C TYR C 199 -17.86 20.55 8.92
N SER C 200 -17.56 19.27 8.75
CA SER C 200 -16.49 18.56 9.49
C SER C 200 -15.15 19.22 9.21
N TYR C 201 -14.91 19.54 7.94
CA TYR C 201 -13.67 20.21 7.50
C TYR C 201 -13.61 21.57 8.22
N ALA C 202 -14.70 22.36 8.16
CA ALA C 202 -14.74 23.69 8.79
C ALA C 202 -14.52 23.57 10.31
N LEU C 203 -15.08 22.57 10.95
CA LEU C 203 -14.91 22.41 12.43
C LEU C 203 -13.44 22.14 12.72
N ALA C 204 -12.81 21.22 12.02
CA ALA C 204 -11.38 20.90 12.25
C ALA C 204 -10.53 22.16 12.02
N LEU C 205 -10.84 22.99 11.02
CA LEU C 205 -9.99 24.17 10.78
C LEU C 205 -10.06 25.06 12.02
N LYS C 206 -11.25 25.23 12.60
CA LYS C 206 -11.49 26.01 13.85
C LYS C 206 -10.75 25.39 15.04
N HIS C 207 -10.82 24.07 15.19
CA HIS C 207 -10.29 23.32 16.38
C HIS C 207 -8.78 23.10 16.31
N ALA C 208 -8.15 23.17 15.14
CA ALA C 208 -6.69 23.00 15.02
C ALA C 208 -5.98 24.08 15.82
N LYS D 15 -35.92 29.30 -6.98
CA LYS D 15 -35.65 29.30 -8.46
C LYS D 15 -36.00 27.90 -9.02
N GLN D 16 -35.58 26.82 -8.35
CA GLN D 16 -35.93 25.40 -8.65
C GLN D 16 -36.82 24.89 -7.51
N TYR D 17 -37.67 23.88 -7.74
CA TYR D 17 -38.56 23.30 -6.71
C TYR D 17 -38.96 21.87 -7.03
N ILE D 18 -39.45 21.18 -6.00
CA ILE D 18 -40.04 19.81 -6.07
C ILE D 18 -41.44 19.96 -6.68
N ILE D 19 -41.73 19.20 -7.74
CA ILE D 19 -43.08 19.12 -8.36
C ILE D 19 -43.83 18.00 -7.64
N SER D 20 -43.20 16.85 -7.39
CA SER D 20 -43.86 15.67 -6.76
C SER D 20 -42.86 14.59 -6.34
N GLU D 21 -43.31 13.71 -5.46
CA GLU D 21 -42.51 12.64 -4.82
C GLU D 21 -43.33 11.35 -4.81
N GLU D 22 -43.01 10.44 -5.72
CA GLU D 22 -43.71 9.15 -5.89
C GLU D 22 -42.96 8.10 -5.07
N LEU D 23 -43.59 7.56 -4.02
CA LEU D 23 -43.06 6.41 -3.26
C LEU D 23 -42.80 5.29 -4.25
N ILE D 24 -41.59 4.72 -4.27
CA ILE D 24 -41.23 3.58 -5.18
C ILE D 24 -41.15 2.29 -4.35
N SER D 25 -40.60 2.33 -3.13
CA SER D 25 -40.53 1.16 -2.22
C SER D 25 -40.14 1.62 -0.81
N GLU D 26 -40.80 1.06 0.22
CA GLU D 26 -40.67 1.49 1.64
C GLU D 26 -40.52 0.25 2.53
N GLY D 27 -39.36 0.09 3.17
CA GLY D 27 -39.09 -1.00 4.14
C GLY D 27 -39.17 -0.47 5.55
N LYS D 28 -38.64 -1.21 6.53
CA LYS D 28 -38.78 -0.87 7.98
C LYS D 28 -38.01 0.41 8.34
N TRP D 29 -36.90 0.71 7.66
CA TRP D 29 -35.94 1.79 8.02
C TRP D 29 -35.69 2.80 6.89
N VAL D 30 -35.93 2.41 5.63
CA VAL D 30 -35.43 3.12 4.41
C VAL D 30 -36.50 3.03 3.32
N LYS D 31 -36.61 4.08 2.48
CA LYS D 31 -37.56 4.08 1.32
C LYS D 31 -36.90 4.79 0.13
N LEU D 32 -37.35 4.44 -1.08
CA LEU D 32 -36.88 4.94 -2.40
C LEU D 32 -38.03 5.68 -3.07
N GLU D 33 -37.77 6.84 -3.68
CA GLU D 33 -38.81 7.70 -4.32
C GLU D 33 -38.29 8.12 -5.70
N LYS D 34 -39.18 8.29 -6.67
CA LYS D 34 -38.94 9.12 -7.86
C LYS D 34 -39.34 10.55 -7.49
N THR D 35 -38.39 11.48 -7.59
CA THR D 35 -38.57 12.92 -7.33
C THR D 35 -38.68 13.61 -8.69
N THR D 36 -39.77 14.35 -8.94
CA THR D 36 -39.88 15.24 -10.12
C THR D 36 -39.63 16.69 -9.68
N TYR D 37 -38.92 17.49 -10.48
CA TYR D 37 -38.59 18.86 -10.08
C TYR D 37 -38.42 19.74 -11.30
N MET D 38 -38.49 21.06 -11.09
CA MET D 38 -38.29 22.08 -12.14
C MET D 38 -36.88 22.64 -12.03
N ASP D 39 -36.08 22.51 -13.10
CA ASP D 39 -34.76 23.17 -13.22
C ASP D 39 -34.97 24.66 -13.47
N PRO D 40 -33.90 25.48 -13.45
CA PRO D 40 -34.05 26.93 -13.60
C PRO D 40 -34.49 27.39 -15.01
N THR D 41 -34.27 26.58 -16.05
CA THR D 41 -34.68 26.87 -17.45
C THR D 41 -36.20 26.80 -17.56
N GLY D 42 -36.85 25.95 -16.75
CA GLY D 42 -38.30 25.71 -16.75
C GLY D 42 -38.64 24.28 -17.15
N LYS D 43 -37.65 23.41 -17.24
CA LYS D 43 -37.79 21.99 -17.65
C LYS D 43 -38.05 21.12 -16.43
N THR D 44 -39.05 20.25 -16.52
CA THR D 44 -39.33 19.13 -15.58
C THR D 44 -38.21 18.08 -15.74
N ARG D 45 -37.59 17.62 -14.65
CA ARG D 45 -36.63 16.46 -14.65
C ARG D 45 -36.96 15.55 -13.47
N THR D 46 -36.37 14.35 -13.42
CA THR D 46 -36.61 13.38 -12.32
C THR D 46 -35.29 13.00 -11.62
N TRP D 47 -35.40 12.31 -10.49
CA TRP D 47 -34.30 11.93 -9.58
C TRP D 47 -34.73 10.71 -8.77
N GLU D 48 -33.82 9.81 -8.42
CA GLU D 48 -34.16 8.74 -7.45
C GLU D 48 -33.54 9.17 -6.12
N SER D 49 -34.36 9.22 -5.08
CA SER D 49 -34.05 9.76 -3.74
C SER D 49 -34.34 8.70 -2.69
N VAL D 50 -33.49 8.67 -1.67
CA VAL D 50 -33.55 7.73 -0.52
C VAL D 50 -33.91 8.58 0.68
N LYS D 51 -34.78 8.07 1.54
CA LYS D 51 -35.15 8.69 2.84
C LYS D 51 -35.24 7.60 3.91
N ARG D 52 -35.03 7.97 5.17
CA ARG D 52 -35.30 7.11 6.34
C ARG D 52 -36.76 7.28 6.73
N THR D 53 -37.38 6.21 7.24
CA THR D 53 -38.81 6.14 7.63
C THR D 53 -38.98 6.65 9.06
N THR D 54 -37.87 6.85 9.77
CA THR D 54 -37.82 6.99 11.25
C THR D 54 -37.80 8.47 11.66
N ARG D 55 -37.72 9.40 10.70
CA ARG D 55 -37.63 10.86 10.99
C ARG D 55 -39.04 11.42 11.24
N LYS D 56 -39.19 12.27 12.26
CA LYS D 56 -40.49 12.87 12.69
C LYS D 56 -40.40 14.41 12.68
N GLU D 57 -40.72 15.01 11.53
CA GLU D 57 -40.85 16.49 11.32
C GLU D 57 -39.47 17.15 11.45
N GLN D 58 -39.44 18.49 11.50
CA GLN D 58 -38.20 19.31 11.53
C GLN D 58 -37.38 18.96 12.77
N THR D 59 -36.26 18.24 12.58
CA THR D 59 -35.39 17.70 13.67
C THR D 59 -33.95 17.48 13.16
N ALA D 60 -33.79 16.52 12.22
CA ALA D 60 -32.57 15.84 11.76
C ALA D 60 -32.67 14.36 12.16
N ASP D 61 -32.17 13.46 11.31
CA ASP D 61 -32.20 11.99 11.55
C ASP D 61 -31.33 11.61 12.77
N GLY D 62 -30.11 12.13 12.81
CA GLY D 62 -29.08 11.64 13.74
C GLY D 62 -28.21 12.74 14.30
N VAL D 63 -27.27 12.30 15.13
CA VAL D 63 -26.13 13.11 15.63
C VAL D 63 -24.88 12.30 15.32
N ALA D 64 -23.81 13.05 15.09
CA ALA D 64 -22.43 12.50 15.09
C ALA D 64 -21.69 13.32 16.11
N VAL D 65 -20.87 12.67 16.94
CA VAL D 65 -20.13 13.35 18.03
C VAL D 65 -18.64 13.36 17.66
N ILE D 66 -18.06 14.54 17.77
CA ILE D 66 -16.59 14.76 17.73
C ILE D 66 -16.14 14.90 19.18
N PRO D 67 -15.71 13.79 19.82
CA PRO D 67 -15.32 13.80 21.23
C PRO D 67 -13.80 14.00 21.39
N VAL D 68 -13.42 15.16 21.93
CA VAL D 68 -12.03 15.57 22.23
C VAL D 68 -11.72 15.24 23.70
N LEU D 69 -10.93 14.19 23.95
CA LEU D 69 -10.50 13.75 25.30
C LEU D 69 -9.32 14.62 25.78
N GLN D 70 -9.52 15.39 26.85
CA GLN D 70 -8.61 16.45 27.33
C GLN D 70 -8.13 16.13 28.76
N ARG D 71 -6.81 16.13 28.97
CA ARG D 71 -6.15 15.83 30.26
C ARG D 71 -5.00 16.83 30.46
N THR D 72 -5.00 17.58 31.56
CA THR D 72 -3.98 18.63 31.83
C THR D 72 -2.59 18.04 31.60
N LEU D 73 -1.65 18.86 31.13
CA LEU D 73 -0.24 18.45 30.92
C LEU D 73 -0.19 17.30 29.90
N HIS D 74 -1.24 17.14 29.09
CA HIS D 74 -1.29 16.09 28.04
C HIS D 74 -1.99 16.60 26.77
N TYR D 75 -1.66 15.98 25.63
CA TYR D 75 -2.21 16.28 24.29
C TYR D 75 -3.59 15.63 24.17
N GLU D 76 -4.44 16.24 23.33
CA GLU D 76 -5.84 15.86 23.11
C GLU D 76 -5.89 14.61 22.22
N CYS D 77 -6.90 13.77 22.43
CA CYS D 77 -7.24 12.63 21.55
C CYS D 77 -8.68 12.75 21.07
N ILE D 78 -8.92 12.15 19.90
CA ILE D 78 -10.23 12.14 19.23
C ILE D 78 -10.72 10.70 19.40
N VAL D 79 -11.86 10.54 20.07
CA VAL D 79 -12.38 9.21 20.44
C VAL D 79 -13.26 8.77 19.28
N LEU D 80 -12.85 7.73 18.58
CA LEU D 80 -13.60 7.21 17.42
C LEU D 80 -14.14 5.87 17.84
N VAL D 81 -14.98 5.24 17.00
CA VAL D 81 -15.52 3.87 17.23
C VAL D 81 -15.41 3.07 15.94
N LYS D 82 -15.19 1.78 16.07
CA LYS D 82 -15.23 0.83 14.92
C LYS D 82 -16.32 -0.16 15.27
N GLN D 83 -16.99 -0.55 14.22
CA GLN D 83 -18.15 -1.45 14.26
C GLN D 83 -18.36 -1.90 12.82
N PHE D 84 -18.87 -3.11 12.68
CA PHE D 84 -19.33 -3.73 11.42
C PHE D 84 -20.55 -2.97 10.94
N ARG D 85 -20.55 -2.58 9.65
CA ARG D 85 -21.64 -1.85 8.97
C ARG D 85 -22.18 -2.73 7.86
N PRO D 86 -23.34 -3.40 8.03
CA PRO D 86 -23.89 -4.28 7.00
C PRO D 86 -23.93 -3.67 5.61
N PRO D 87 -24.30 -2.38 5.43
CA PRO D 87 -24.29 -1.81 4.10
C PRO D 87 -22.88 -1.81 3.46
N MET D 88 -21.85 -1.65 4.27
CA MET D 88 -20.43 -1.58 3.80
C MET D 88 -19.82 -2.99 3.73
N GLY D 89 -20.49 -3.99 4.31
CA GLY D 89 -19.95 -5.36 4.35
C GLY D 89 -18.64 -5.42 5.11
N GLY D 90 -18.40 -4.52 6.07
CA GLY D 90 -17.07 -4.47 6.70
C GLY D 90 -17.07 -3.50 7.85
N TYR D 91 -15.94 -3.43 8.54
CA TYR D 91 -15.78 -2.56 9.74
C TYR D 91 -15.45 -1.15 9.25
N CYS D 92 -15.98 -0.15 9.96
CA CYS D 92 -15.82 1.27 9.66
C CYS D 92 -15.38 1.97 10.91
N ILE D 93 -14.55 2.98 10.72
CA ILE D 93 -14.06 3.85 11.82
C ILE D 93 -14.83 5.14 11.66
N GLU D 94 -15.61 5.51 12.68
CA GLU D 94 -16.52 6.67 12.61
C GLU D 94 -16.44 7.49 13.88
N PHE D 95 -16.98 8.69 13.79
CA PHE D 95 -17.35 9.44 14.99
C PHE D 95 -18.46 8.65 15.66
N PRO D 96 -18.54 8.61 16.99
CA PRO D 96 -19.69 8.00 17.67
C PRO D 96 -20.95 8.71 17.14
N ALA D 97 -22.01 7.94 16.91
CA ALA D 97 -23.21 8.46 16.22
C ALA D 97 -24.42 7.66 16.64
N GLY D 98 -25.60 8.27 16.53
CA GLY D 98 -26.88 7.53 16.64
C GLY D 98 -28.06 8.35 16.13
N LEU D 99 -29.21 7.70 15.92
CA LEU D 99 -30.46 8.43 15.59
C LEU D 99 -30.94 9.17 16.83
N ILE D 100 -31.62 10.31 16.63
CA ILE D 100 -32.21 11.10 17.74
C ILE D 100 -33.54 10.40 18.10
N ASP D 101 -33.76 10.19 19.41
CA ASP D 101 -34.96 9.52 19.98
C ASP D 101 -36.11 10.54 19.92
N ASP D 102 -37.36 10.10 19.75
CA ASP D 102 -38.54 11.01 19.73
C ASP D 102 -38.49 11.88 21.00
N GLY D 103 -38.51 13.21 20.84
CA GLY D 103 -38.61 14.17 21.96
C GLY D 103 -37.26 14.73 22.37
N GLU D 104 -36.20 13.95 22.19
CA GLU D 104 -34.83 14.22 22.73
C GLU D 104 -34.14 15.28 21.87
N THR D 105 -33.37 16.18 22.50
CA THR D 105 -32.65 17.26 21.78
C THR D 105 -31.40 16.66 21.11
N PRO D 106 -30.84 17.30 20.05
CA PRO D 106 -29.52 16.93 19.53
C PRO D 106 -28.42 16.86 20.61
N GLU D 107 -28.29 17.87 21.46
CA GLU D 107 -27.22 17.91 22.48
C GLU D 107 -27.36 16.67 23.36
N ALA D 108 -28.57 16.37 23.85
CA ALA D 108 -28.80 15.25 24.80
C ALA D 108 -28.60 13.91 24.07
N ALA D 109 -28.98 13.83 22.79
CA ALA D 109 -28.71 12.60 22.01
C ALA D 109 -27.18 12.39 21.90
N ALA D 110 -26.41 13.47 21.71
CA ALA D 110 -24.93 13.36 21.55
C ALA D 110 -24.34 12.78 22.83
N LEU D 111 -24.61 13.44 23.97
CA LEU D 111 -24.03 13.00 25.27
C LEU D 111 -24.50 11.58 25.58
N ARG D 112 -25.71 11.19 25.17
CA ARG D 112 -26.22 9.83 25.44
C ARG D 112 -25.49 8.83 24.55
N GLU D 113 -25.48 9.09 23.25
CA GLU D 113 -24.86 8.18 22.26
C GLU D 113 -23.34 8.08 22.55
N LEU D 114 -22.68 9.16 22.97
CA LEU D 114 -21.22 9.10 23.29
C LEU D 114 -20.97 8.16 24.47
N GLU D 115 -21.76 8.32 25.55
CA GLU D 115 -21.63 7.50 26.78
C GLU D 115 -22.03 6.05 26.47
N GLU D 116 -23.09 5.83 25.68
CA GLU D 116 -23.47 4.44 25.27
C GLU D 116 -22.30 3.80 24.52
N GLU D 117 -21.73 4.51 23.55
CA GLU D 117 -20.78 3.92 22.59
C GLU D 117 -19.36 3.92 23.16
N THR D 118 -19.01 4.88 24.03
CA THR D 118 -17.62 5.07 24.51
C THR D 118 -17.48 4.89 26.03
N GLY D 119 -18.55 5.09 26.81
CA GLY D 119 -18.48 5.14 28.28
C GLY D 119 -18.21 6.54 28.78
N TYR D 120 -17.75 7.45 27.92
CA TYR D 120 -17.33 8.81 28.34
C TYR D 120 -18.54 9.72 28.61
N LYS D 121 -18.41 10.58 29.63
CA LYS D 121 -19.37 11.63 30.03
C LYS D 121 -18.83 12.98 29.58
N GLY D 122 -19.43 13.54 28.52
CA GLY D 122 -18.91 14.74 27.84
C GLY D 122 -19.60 15.99 28.28
N ASP D 123 -19.03 17.12 27.87
CA ASP D 123 -19.63 18.48 28.02
C ASP D 123 -19.80 19.06 26.61
N ILE D 124 -20.94 19.67 26.33
CA ILE D 124 -21.25 20.25 25.00
C ILE D 124 -20.36 21.47 24.81
N ALA D 125 -19.59 21.48 23.72
CA ALA D 125 -18.78 22.64 23.29
C ALA D 125 -19.58 23.40 22.23
N GLU D 126 -20.19 22.70 21.28
CA GLU D 126 -20.97 23.36 20.18
C GLU D 126 -21.80 22.32 19.42
N CYS D 127 -22.80 22.79 18.66
CA CYS D 127 -23.76 21.94 17.93
C CYS D 127 -24.04 22.58 16.56
N SER D 128 -23.83 21.81 15.50
CA SER D 128 -24.07 22.22 14.09
C SER D 128 -25.57 22.35 13.86
N PRO D 129 -26.00 23.14 12.85
CA PRO D 129 -27.33 22.94 12.28
C PRO D 129 -27.37 21.56 11.61
N ALA D 130 -28.54 21.17 11.13
CA ALA D 130 -28.71 19.90 10.40
C ALA D 130 -27.89 20.00 9.11
N VAL D 131 -27.04 19.01 8.89
CA VAL D 131 -26.08 19.00 7.74
C VAL D 131 -26.38 17.72 6.96
N CYS D 132 -26.20 17.74 5.63
CA CYS D 132 -26.64 16.63 4.76
C CYS D 132 -25.52 15.58 4.65
N MET D 133 -25.92 14.32 4.70
CA MET D 133 -25.00 13.17 4.66
C MET D 133 -24.55 12.88 3.22
N ASP D 134 -25.47 12.91 2.26
CA ASP D 134 -25.14 12.61 0.85
C ASP D 134 -26.28 13.15 0.01
N PRO D 135 -26.29 14.47 -0.29
CA PRO D 135 -27.51 15.15 -0.72
C PRO D 135 -27.86 14.77 -2.17
N GLY D 136 -26.88 14.34 -2.97
CA GLY D 136 -27.14 13.78 -4.31
C GLY D 136 -27.85 12.43 -4.25
N LEU D 137 -28.06 11.86 -3.06
CA LEU D 137 -28.65 10.51 -2.93
C LEU D 137 -29.84 10.50 -1.98
N SER D 138 -29.69 11.03 -0.78
CA SER D 138 -30.65 10.88 0.33
C SER D 138 -30.94 12.25 0.95
N ASN D 139 -31.98 12.31 1.76
CA ASN D 139 -32.36 13.56 2.46
C ASN D 139 -31.76 13.50 3.85
N CYS D 140 -30.93 12.49 4.15
CA CYS D 140 -30.53 12.22 5.55
C CYS D 140 -29.66 13.37 6.05
N THR D 141 -29.85 13.74 7.31
CA THR D 141 -29.16 14.86 7.96
C THR D 141 -28.75 14.43 9.37
N ILE D 142 -27.73 15.10 9.89
CA ILE D 142 -27.30 14.96 11.30
C ILE D 142 -27.02 16.33 11.86
N HIS D 143 -26.94 16.40 13.17
CA HIS D 143 -26.22 17.45 13.90
C HIS D 143 -24.83 16.86 14.20
N ILE D 144 -23.78 17.56 13.78
CA ILE D 144 -22.41 17.28 14.28
C ILE D 144 -22.25 18.05 15.59
N VAL D 145 -22.01 17.30 16.67
CA VAL D 145 -21.89 17.88 18.02
C VAL D 145 -20.46 17.69 18.54
N THR D 146 -19.74 18.79 18.79
CA THR D 146 -18.37 18.80 19.38
C THR D 146 -18.54 18.69 20.91
N VAL D 147 -17.88 17.71 21.53
CA VAL D 147 -18.08 17.32 22.97
C VAL D 147 -16.69 17.19 23.63
N THR D 148 -16.40 17.92 24.70
CA THR D 148 -15.09 17.85 25.40
C THR D 148 -15.25 16.86 26.55
N ILE D 149 -14.27 15.98 26.75
CA ILE D 149 -14.29 14.94 27.82
C ILE D 149 -13.17 15.33 28.79
N ASN D 150 -13.54 15.64 30.03
CA ASN D 150 -12.58 16.06 31.09
C ASN D 150 -11.97 14.79 31.64
N GLY D 151 -10.90 14.30 30.99
CA GLY D 151 -10.24 13.04 31.36
C GLY D 151 -9.55 13.11 32.73
N ASP D 152 -9.51 14.28 33.37
CA ASP D 152 -9.03 14.46 34.78
C ASP D 152 -10.20 14.34 35.77
N ASP D 153 -11.17 13.46 35.47
CA ASP D 153 -12.33 13.15 36.37
C ASP D 153 -12.44 11.63 36.43
N GLU D 155 -15.09 9.93 36.80
CA GLU D 155 -16.06 9.21 35.93
C GLU D 155 -15.42 8.88 34.58
N ASN D 156 -14.47 9.72 34.14
CA ASN D 156 -13.77 9.60 32.84
C ASN D 156 -12.41 8.91 33.00
N ALA D 157 -12.09 8.40 34.20
CA ALA D 157 -10.80 7.71 34.48
C ALA D 157 -10.61 6.53 33.52
N ARG D 158 -11.58 5.61 33.49
CA ARG D 158 -11.55 4.37 32.67
C ARG D 158 -12.96 3.84 32.54
N PRO D 159 -13.88 4.60 31.90
CA PRO D 159 -15.23 4.11 31.64
C PRO D 159 -15.23 3.03 30.53
N LYS D 160 -16.28 2.20 30.49
CA LYS D 160 -16.54 1.16 29.45
C LYS D 160 -17.89 1.42 28.82
N PRO D 161 -18.12 0.99 27.55
CA PRO D 161 -19.35 1.32 26.83
C PRO D 161 -20.55 0.52 27.35
N LYS D 162 -21.78 1.01 27.14
CA LYS D 162 -23.05 0.28 27.42
C LYS D 162 -23.88 0.20 26.14
N PRO D 163 -23.58 -0.74 25.22
CA PRO D 163 -24.35 -0.83 23.97
C PRO D 163 -25.79 -1.29 24.19
N GLY D 164 -26.67 -1.01 23.21
CA GLY D 164 -27.98 -1.65 23.06
C GLY D 164 -27.82 -3.07 22.55
N ASP D 165 -28.90 -3.86 22.49
CA ASP D 165 -28.87 -5.21 21.87
C ASP D 165 -28.50 -4.97 20.40
N GLY D 166 -27.69 -5.84 19.79
CA GLY D 166 -27.32 -5.76 18.37
C GLY D 166 -26.34 -4.64 18.04
N GLU D 167 -25.87 -3.88 19.04
CA GLU D 167 -24.82 -2.82 18.91
C GLU D 167 -23.51 -3.37 19.50
N PHE D 168 -22.44 -3.40 18.70
CA PHE D 168 -21.09 -3.92 19.08
C PHE D 168 -20.05 -2.91 18.59
N VAL D 169 -19.41 -2.17 19.50
CA VAL D 169 -18.51 -1.03 19.15
C VAL D 169 -17.20 -1.14 19.91
N GLU D 170 -16.07 -0.98 19.21
CA GLU D 170 -14.72 -0.80 19.79
C GLU D 170 -14.41 0.70 19.82
N VAL D 171 -13.99 1.22 20.97
CA VAL D 171 -13.43 2.59 21.13
C VAL D 171 -12.01 2.55 20.53
N ILE D 172 -11.65 3.59 19.79
CA ILE D 172 -10.29 3.78 19.21
C ILE D 172 -9.96 5.24 19.45
N SER D 173 -9.14 5.52 20.45
CA SER D 173 -8.74 6.89 20.83
C SER D 173 -7.45 7.20 20.06
N LEU D 174 -7.46 8.23 19.20
CA LEU D 174 -6.26 8.61 18.40
C LEU D 174 -5.81 10.02 18.77
N PRO D 175 -4.48 10.25 18.76
CA PRO D 175 -3.95 11.57 19.07
C PRO D 175 -4.50 12.47 17.97
N LYS D 176 -5.11 13.57 18.39
CA LYS D 176 -5.55 14.67 17.52
C LYS D 176 -4.39 15.12 16.60
N ASN D 177 -3.20 15.27 17.18
CA ASN D 177 -2.00 15.85 16.53
C ASN D 177 -1.50 14.99 15.35
N ASP D 178 -1.94 13.75 15.20
CA ASP D 178 -1.44 12.94 14.08
C ASP D 178 -2.57 12.11 13.51
N LEU D 179 -3.80 12.62 13.60
CA LEU D 179 -5.04 11.86 13.26
C LEU D 179 -4.96 11.30 11.83
N LEU D 180 -4.64 12.13 10.84
CA LEU D 180 -4.67 11.73 9.42
C LEU D 180 -3.71 10.57 9.16
N GLN D 181 -2.48 10.66 9.69
CA GLN D 181 -1.39 9.64 9.44
C GLN D 181 -1.87 8.31 10.05
N ARG D 182 -2.38 8.38 11.26
CA ARG D 182 -2.87 7.21 12.03
C ARG D 182 -4.01 6.55 11.29
N LEU D 183 -4.92 7.34 10.71
CA LEU D 183 -6.03 6.83 9.89
C LEU D 183 -5.48 6.18 8.64
N ASP D 184 -4.59 6.85 7.92
CA ASP D 184 -3.98 6.22 6.70
C ASP D 184 -3.29 4.90 7.07
N ALA D 185 -2.65 4.83 8.25
CA ALA D 185 -1.90 3.63 8.72
C ALA D 185 -2.86 2.48 9.01
N LEU D 186 -3.98 2.75 9.70
CA LEU D 186 -5.04 1.73 9.94
C LEU D 186 -5.51 1.19 8.59
N VAL D 187 -5.72 2.06 7.62
CA VAL D 187 -6.27 1.69 6.29
C VAL D 187 -5.24 0.88 5.49
N ALA D 188 -3.93 1.09 5.72
CA ALA D 188 -2.88 0.40 4.93
C ALA D 188 -2.79 -1.07 5.40
N GLU D 189 -3.09 -1.29 6.69
CA GLU D 189 -2.76 -2.54 7.44
C GLU D 189 -4.04 -3.37 7.68
N GLU D 190 -5.20 -2.74 7.89
CA GLU D 190 -6.42 -3.47 8.36
C GLU D 190 -7.58 -3.33 7.36
N HIS D 191 -8.41 -4.38 7.34
CA HIS D 191 -9.63 -4.50 6.51
C HIS D 191 -10.65 -3.56 7.17
N LEU D 192 -10.64 -2.29 6.78
CA LEU D 192 -11.66 -1.35 7.34
C LEU D 192 -11.73 -0.13 6.43
N THR D 193 -12.79 0.65 6.61
CA THR D 193 -13.05 1.93 5.90
C THR D 193 -13.17 3.07 6.94
N VAL D 194 -12.55 4.20 6.62
CA VAL D 194 -12.64 5.41 7.48
C VAL D 194 -13.81 6.17 6.89
N ASP D 195 -14.56 6.81 7.77
CA ASP D 195 -15.72 7.61 7.38
C ASP D 195 -15.21 8.91 6.77
N ALA D 196 -15.93 9.42 5.77
CA ALA D 196 -15.60 10.65 5.02
C ALA D 196 -15.57 11.87 5.93
N ARG D 197 -16.42 11.91 6.96
N ARG D 197 -16.49 11.93 6.90
CA ARG D 197 -16.51 13.07 7.87
CA ARG D 197 -16.56 13.02 7.92
C ARG D 197 -15.32 13.04 8.84
C ARG D 197 -15.25 13.01 8.71
N VAL D 198 -14.90 11.86 9.31
CA VAL D 198 -13.64 11.71 10.12
C VAL D 198 -12.42 12.11 9.26
N TYR D 199 -12.39 11.65 8.01
CA TYR D 199 -11.24 11.88 7.12
C TYR D 199 -11.17 13.36 6.74
N SER D 200 -12.32 13.98 6.48
CA SER D 200 -12.40 15.44 6.21
C SER D 200 -11.88 16.18 7.44
N TYR D 201 -12.30 15.77 8.64
CA TYR D 201 -11.87 16.37 9.92
C TYR D 201 -10.34 16.31 10.00
N ALA D 202 -9.80 15.12 9.77
CA ALA D 202 -8.34 14.85 9.87
C ALA D 202 -7.56 15.70 8.84
N LEU D 203 -8.01 15.73 7.59
CA LEU D 203 -7.41 16.58 6.54
C LEU D 203 -7.31 18.03 6.99
N ALA D 204 -8.40 18.61 7.48
CA ALA D 204 -8.45 20.02 7.89
C ALA D 204 -7.49 20.31 9.06
N LEU D 205 -7.23 19.35 9.93
CA LEU D 205 -6.26 19.56 11.05
C LEU D 205 -4.87 19.81 10.47
N LYS D 206 -4.59 19.21 9.32
CA LYS D 206 -3.32 19.40 8.60
C LYS D 206 -3.38 20.70 7.80
N HIS D 207 -4.52 20.99 7.15
CA HIS D 207 -4.66 22.15 6.22
C HIS D 207 -4.72 23.48 6.95
N ALA D 208 -5.17 23.48 8.21
CA ALA D 208 -5.35 24.66 9.09
C ALA D 208 -4.10 25.56 9.02
N ASN D 209 -4.32 26.87 8.92
CA ASN D 209 -3.27 27.94 8.82
C ASN D 209 -3.21 28.46 7.38
MG MG E . 20.60 -14.08 9.66
MG MG F . 20.38 -15.98 12.47
CL CL G . 6.48 -5.52 -17.04
C1 EDO H . 25.19 -17.86 1.57
O1 EDO H . 26.19 -16.93 1.16
C2 EDO H . 24.15 -17.19 2.38
O2 EDO H . 23.38 -16.30 1.60
N1 PW7 I . 35.23 -13.56 -10.30
C4 PW7 I . 36.47 -13.44 -14.20
N PW7 I . 35.00 -12.63 -12.43
C PW7 I . 34.70 -11.74 -14.68
C1 PW7 I . 35.44 -12.65 -13.71
C2 PW7 I . 35.68 -13.49 -11.59
C3 PW7 I . 37.09 -14.27 -13.26
F PW7 I . 33.71 -12.34 -15.31
F1 PW7 I . 35.50 -11.27 -15.66
F2 PW7 I . 34.17 -10.64 -14.10
N2 PW7 I . 36.74 -14.33 -11.97
C1 EDO J . 3.67 -5.08 -27.70
O1 EDO J . 5.03 -4.70 -27.71
C2 EDO J . 3.30 -5.94 -28.87
O2 EDO J . 4.14 -7.09 -29.05
MG MG K . 26.54 -12.13 -18.09
MG MG L . 27.47 -10.03 -20.50
N1 PW7 M . 31.63 -13.81 6.06
C4 PW7 M . 31.29 -14.47 10.09
N PW7 M . 30.48 -14.85 7.81
C PW7 M . 29.26 -15.90 9.55
C1 PW7 M . 30.41 -15.02 9.13
C2 PW7 M . 31.53 -14.03 7.40
C3 PW7 M . 32.29 -13.67 9.56
F PW7 M . 28.08 -15.35 9.43
F1 PW7 M . 29.32 -16.34 10.83
F2 PW7 M . 29.20 -16.99 8.79
N2 PW7 M . 32.46 -13.42 8.25
C1 EDO N . 27.10 -9.15 -9.85
O1 EDO N . 26.15 -10.14 -9.52
C2 EDO N . 27.92 -8.70 -8.70
O2 EDO N . 28.62 -9.75 -8.03
C1 EDO O . -1.32 27.08 -12.83
O1 EDO O . -2.75 27.03 -12.94
C2 EDO O . -0.60 25.83 -13.22
O2 EDO O . -1.28 24.64 -12.88
MG MG P . -20.50 17.22 -11.97
MG MG Q . -21.48 17.37 -8.99
C1 EDO R . -21.77 9.00 -3.44
O1 EDO R . -22.95 8.73 -2.71
C2 EDO R . -21.65 10.41 -3.84
O2 EDO R . -21.49 11.26 -2.72
N1 PW7 S . -29.78 9.48 -7.38
C4 PW7 S . -29.68 10.93 -11.22
N PW7 S . -28.48 10.30 -9.20
C PW7 S . -27.19 11.20 -11.08
C1 PW7 S . -28.53 10.80 -10.45
C2 PW7 S . -29.74 9.91 -8.68
C3 PW7 S . -30.87 10.50 -10.61
F PW7 S . -26.22 10.30 -10.97
F1 PW7 S . -26.67 12.33 -10.55
F2 PW7 S . -27.27 11.47 -12.41
N2 PW7 S . -30.94 9.98 -9.37
C1 EDO T . -28.35 9.45 8.86
O1 EDO T . -28.35 8.42 7.88
C2 EDO T . -27.33 9.23 9.91
O2 EDO T . -26.01 9.22 9.40
N1 PW7 U . -30.81 0.81 7.78
C4 PW7 U . -31.59 -0.70 11.55
N PW7 U . -30.89 1.18 10.13
C PW7 U . -30.94 1.55 12.53
C1 PW7 U . -31.15 0.61 11.34
C2 PW7 U . -31.10 0.32 9.04
C3 PW7 U . -31.77 -1.47 10.37
F PW7 U . -31.59 2.70 12.43
F1 PW7 U . -29.66 1.89 12.64
F2 PW7 U . -31.29 1.03 13.74
N2 PW7 U . -31.55 -1.01 9.12
MG MG V . -24.07 4.32 16.66
MG MG W . -26.09 4.13 17.54
#